data_5LKM
#
_entry.id   5LKM
#
_cell.length_a   99.400
_cell.length_b   169.900
_cell.length_c   187.420
_cell.angle_alpha   90.00
_cell.angle_beta   90.00
_cell.angle_gamma   90.00
#
_symmetry.space_group_name_H-M   'I 2 2 2'
#
loop_
_entity.id
_entity.type
_entity.pdbx_description
1 polymer 'DNA repair protein RadA'
2 non-polymer "THYMIDINE-5'-DIPHOSPHATE"
3 non-polymer 'MAGNESIUM ION'
#
_entity_poly.entity_id   1
_entity_poly.type   'polypeptide(L)'
_entity_poly.pdbx_seq_one_letter_code
;MAKKKATFVCQNCGYNSPKYLGRCPNCGSWSSFVEEVEVAEVKNARVSLTGEKTKPMKLAEVTSINVNRTKTEMEEFNRV
LGGGVVPGSLVLIGGDPGIGKSTLLLQVSTQLSQVGTVLYVSGEESAQQIKLRAERLGDIDSEFYLYAETNMQSVRAEVE
RIQPDFLIIDSIQTIMSPEISGVQGSVSQVREVTAELMQLAKTNNIAIFIVGHVTKEGTLAGPRMLEHMVDTVLYFEGER
HHTFRILRAVKNRFGSTNEIGIFEMQSGGLVEVLNPSQVFLEERLDGATGSSIVVTMEGTRPILAEVQALVTPTMFGNAK
RTTTGLDFNRASLIMAVLEKRAGLLLQNQDAYLKSAGGVKLDEPAIDLAVAVAIASSYKDKPTNPQECFVGELGLTGEIR
RVNRIEQRINEAAKLGFTKIYVPKNSLTGITLPKEIQVIGVTTIQEVLKKVF
;
_entity_poly.pdbx_strand_id   A,B,C
#
loop_
_chem_comp.id
_chem_comp.type
_chem_comp.name
_chem_comp.formula
MG non-polymer 'MAGNESIUM ION' 'Mg 2'
TYD non-polymer THYMIDINE-5'-DIPHOSPHATE 'C10 H16 N2 O11 P2'
#
# COMPACT_ATOMS: atom_id res chain seq x y z
N LYS A 53 15.83 -25.09 42.47
CA LYS A 53 14.84 -26.12 42.05
C LYS A 53 13.72 -26.24 43.07
N THR A 54 12.58 -26.77 42.61
CA THR A 54 11.36 -26.91 43.45
C THR A 54 11.05 -28.40 43.66
N LYS A 55 10.26 -28.72 44.69
CA LYS A 55 9.96 -30.11 45.06
C LYS A 55 8.47 -30.49 45.13
N PRO A 56 8.13 -31.78 44.81
CA PRO A 56 6.74 -32.20 45.00
C PRO A 56 6.33 -31.99 46.46
N MET A 57 5.18 -31.37 46.64
CA MET A 57 4.74 -30.88 47.94
C MET A 57 3.23 -31.05 48.12
N LYS A 58 2.79 -31.40 49.33
CA LYS A 58 1.37 -31.52 49.63
C LYS A 58 0.73 -30.16 49.67
N LEU A 59 -0.46 -30.10 49.11
CA LEU A 59 -1.13 -28.83 48.92
C LEU A 59 -1.43 -28.09 50.22
N ALA A 60 -1.79 -28.82 51.26
CA ALA A 60 -1.97 -28.20 52.57
C ALA A 60 -0.68 -27.56 53.12
N GLU A 61 0.47 -28.09 52.73
CA GLU A 61 1.78 -27.61 53.20
C GLU A 61 2.42 -26.72 52.14
N VAL A 62 1.78 -26.53 50.99
CA VAL A 62 2.27 -25.47 50.06
C VAL A 62 2.15 -24.06 50.72
N THR A 63 3.29 -23.42 50.99
CA THR A 63 3.29 -22.11 51.66
C THR A 63 3.01 -20.99 50.68
N SER A 64 2.35 -19.94 51.17
CA SER A 64 2.04 -18.78 50.32
C SER A 64 3.31 -18.00 49.92
N ILE A 65 3.32 -17.61 48.64
CA ILE A 65 4.30 -16.65 48.07
C ILE A 65 4.69 -15.52 49.03
N ASN A 66 6.00 -15.30 49.15
CA ASN A 66 6.55 -14.20 49.94
C ASN A 66 7.66 -13.56 49.11
N VAL A 67 7.23 -12.90 48.06
CA VAL A 67 8.13 -12.30 47.05
C VAL A 67 8.45 -10.85 47.45
N ASN A 68 9.52 -10.30 46.89
CA ASN A 68 9.73 -8.85 46.93
C ASN A 68 9.59 -8.18 45.54
N ARG A 69 8.46 -7.55 45.22
CA ARG A 69 8.29 -6.89 43.92
C ARG A 69 8.78 -5.45 43.83
N THR A 70 9.15 -5.07 42.61
CA THR A 70 9.58 -3.68 42.33
C THR A 70 8.48 -2.90 41.60
N LYS A 71 7.94 -1.88 42.25
CA LYS A 71 6.91 -1.03 41.66
C LYS A 71 7.49 0.10 40.81
N THR A 72 6.74 0.53 39.80
CA THR A 72 7.02 1.70 38.95
C THR A 72 5.99 2.81 39.20
N GLU A 73 6.25 4.01 38.72
CA GLU A 73 5.37 5.17 39.03
C GLU A 73 3.95 5.12 38.39
N MET A 74 3.97 4.29 37.33
CA MET A 74 2.82 3.83 36.54
C MET A 74 2.01 2.76 37.26
N GLU A 75 1.00 3.23 38.00
CA GLU A 75 0.07 2.39 38.77
C GLU A 75 -0.54 1.26 37.97
N GLU A 76 -0.87 1.54 36.72
CA GLU A 76 -1.50 0.61 35.81
C GLU A 76 -0.60 -0.56 35.46
N PHE A 77 0.61 -0.28 35.00
CA PHE A 77 1.63 -1.30 34.68
C PHE A 77 1.93 -2.23 35.86
N ASN A 78 1.91 -1.70 37.08
CA ASN A 78 2.09 -2.52 38.26
C ASN A 78 0.97 -3.51 38.48
N ARG A 79 -0.28 -3.06 38.31
CA ARG A 79 -1.45 -3.92 38.54
C ARG A 79 -1.43 -5.11 37.63
N VAL A 80 -0.98 -4.86 36.39
CA VAL A 80 -0.97 -5.85 35.32
C VAL A 80 -0.03 -6.98 35.67
N LEU A 81 1.16 -6.61 36.16
CA LEU A 81 2.13 -7.59 36.60
C LEU A 81 1.77 -8.22 37.94
N GLY A 82 0.68 -7.77 38.54
CA GLY A 82 0.21 -8.32 39.80
C GLY A 82 0.97 -7.78 40.98
N GLY A 83 1.22 -6.47 40.99
CA GLY A 83 1.84 -5.80 42.13
C GLY A 83 3.09 -5.05 41.74
N GLY A 84 3.89 -5.69 40.93
CA GLY A 84 5.08 -5.05 40.39
C GLY A 84 5.96 -6.07 39.73
N VAL A 85 7.18 -5.64 39.39
CA VAL A 85 8.13 -6.48 38.69
C VAL A 85 8.77 -7.48 39.66
N VAL A 86 8.53 -8.78 39.37
CA VAL A 86 9.04 -9.89 40.16
C VAL A 86 10.43 -10.19 39.65
N PRO A 87 11.40 -10.31 40.57
CA PRO A 87 12.77 -10.55 40.14
C PRO A 87 12.98 -12.00 39.80
N GLY A 88 13.79 -12.29 38.79
CA GLY A 88 14.01 -13.67 38.39
C GLY A 88 12.77 -14.20 37.69
N SER A 89 12.33 -13.51 36.63
CA SER A 89 11.06 -13.84 35.93
C SER A 89 11.13 -13.41 34.46
N LEU A 90 10.32 -14.04 33.63
CA LEU A 90 10.28 -13.75 32.19
C LEU A 90 8.91 -13.24 31.76
N VAL A 91 8.94 -11.96 31.33
CA VAL A 91 7.69 -11.27 30.95
C VAL A 91 7.76 -10.98 29.46
N LEU A 92 6.76 -11.44 28.70
CA LEU A 92 6.65 -11.20 27.27
C LEU A 92 5.60 -10.12 26.98
N ILE A 93 6.00 -9.06 26.29
CA ILE A 93 5.08 -8.04 25.81
C ILE A 93 4.88 -8.23 24.29
N GLY A 94 3.62 -8.52 23.94
CA GLY A 94 3.21 -8.75 22.57
C GLY A 94 2.42 -7.58 22.04
N GLY A 95 2.36 -7.46 20.72
CA GLY A 95 1.48 -6.48 20.09
C GLY A 95 1.97 -6.08 18.72
N ASP A 96 1.11 -5.39 17.96
CA ASP A 96 1.40 -5.02 16.55
C ASP A 96 2.55 -4.05 16.52
N PRO A 97 3.35 -4.02 15.45
CA PRO A 97 4.38 -2.97 15.39
C PRO A 97 3.77 -1.58 15.32
N GLY A 98 4.36 -0.65 16.07
CA GLY A 98 3.95 0.74 16.15
C GLY A 98 3.14 1.14 17.38
N ILE A 99 2.66 0.14 18.14
CA ILE A 99 1.74 0.36 19.31
C ILE A 99 2.46 1.08 20.44
N GLY A 100 3.74 0.74 20.64
CA GLY A 100 4.56 1.39 21.69
C GLY A 100 5.15 0.49 22.77
N LYS A 101 5.60 -0.70 22.37
CA LYS A 101 6.22 -1.60 23.32
C LYS A 101 7.59 -1.10 23.73
N SER A 102 8.38 -0.69 22.75
CA SER A 102 9.67 -0.05 23.03
C SER A 102 9.48 1.19 23.90
N THR A 103 8.50 2.01 23.55
CA THR A 103 8.17 3.23 24.30
C THR A 103 7.76 2.91 25.72
N LEU A 104 6.94 1.89 25.90
CA LEU A 104 6.52 1.50 27.26
C LEU A 104 7.71 0.93 28.02
N LEU A 105 8.54 0.11 27.36
CA LEU A 105 9.67 -0.45 28.08
C LEU A 105 10.73 0.57 28.42
N LEU A 106 10.91 1.58 27.57
CA LEU A 106 11.84 2.69 27.85
C LEU A 106 11.39 3.52 29.03
N GLN A 107 10.09 3.72 29.13
CA GLN A 107 9.53 4.42 30.27
C GLN A 107 9.67 3.62 31.55
N VAL A 108 9.44 2.31 31.48
CA VAL A 108 9.58 1.45 32.66
C VAL A 108 11.03 1.40 33.07
N SER A 109 11.90 1.25 32.09
CA SER A 109 13.31 1.18 32.36
C SER A 109 13.89 2.44 33.02
N THR A 110 13.50 3.62 32.56
CA THR A 110 13.98 4.85 33.16
C THR A 110 13.50 5.03 34.58
N GLN A 111 12.41 4.35 34.92
CA GLN A 111 11.90 4.35 36.29
C GLN A 111 12.56 3.30 37.15
N LEU A 112 12.78 2.12 36.60
CA LEU A 112 13.48 1.04 37.28
C LEU A 112 14.98 1.30 37.46
N SER A 113 15.57 2.12 36.59
CA SER A 113 16.97 2.47 36.76
C SER A 113 17.21 3.28 38.03
N GLN A 114 16.17 3.93 38.54
CA GLN A 114 16.22 4.66 39.82
C GLN A 114 16.38 3.78 41.08
N VAL A 115 16.01 2.49 41.02
CA VAL A 115 16.15 1.55 42.17
C VAL A 115 17.01 0.34 41.87
N GLY A 116 17.07 -0.10 40.63
CA GLY A 116 17.96 -1.20 40.27
C GLY A 116 18.89 -0.78 39.19
N THR A 117 19.28 -1.76 38.40
CA THR A 117 20.22 -1.60 37.30
C THR A 117 19.64 -2.28 36.06
N VAL A 118 19.49 -1.47 35.03
CA VAL A 118 18.77 -1.86 33.85
C VAL A 118 19.78 -2.09 32.74
N LEU A 119 19.61 -3.18 32.00
CA LEU A 119 20.34 -3.38 30.76
C LEU A 119 19.34 -3.56 29.62
N TYR A 120 19.25 -2.54 28.77
CA TYR A 120 18.35 -2.51 27.62
C TYR A 120 19.14 -2.94 26.40
N VAL A 121 18.72 -4.06 25.81
CA VAL A 121 19.38 -4.67 24.66
C VAL A 121 18.46 -4.53 23.47
N SER A 122 18.93 -3.84 22.44
CA SER A 122 18.18 -3.64 21.23
C SER A 122 19.05 -3.91 20.03
N GLY A 123 18.58 -4.81 19.17
CA GLY A 123 19.10 -4.97 17.82
C GLY A 123 18.31 -4.14 16.81
N GLU A 124 17.13 -3.66 17.22
CA GLU A 124 16.16 -3.08 16.30
C GLU A 124 16.50 -1.61 16.00
N GLU A 125 16.73 -0.82 17.03
CA GLU A 125 17.13 0.58 16.90
C GLU A 125 18.55 0.74 17.41
N SER A 126 19.19 1.82 16.95
CA SER A 126 20.56 2.12 17.36
C SER A 126 20.60 2.80 18.71
N ALA A 127 21.78 2.82 19.31
CA ALA A 127 21.98 3.46 20.61
C ALA A 127 21.63 4.96 20.61
N GLN A 128 22.05 5.67 19.57
CA GLN A 128 21.81 7.14 19.45
C GLN A 128 20.34 7.46 19.32
N GLN A 129 19.61 6.59 18.63
CA GLN A 129 18.17 6.75 18.36
C GLN A 129 17.34 6.69 19.65
N ILE A 130 17.71 5.72 20.50
CA ILE A 130 17.08 5.50 21.80
C ILE A 130 17.32 6.66 22.77
N LYS A 131 18.53 7.23 22.77
CA LYS A 131 18.83 8.39 23.62
C LYS A 131 17.89 9.58 23.32
N LEU A 132 17.62 9.84 22.04
CA LEU A 132 16.71 10.92 21.64
C LEU A 132 15.28 10.65 22.13
N ARG A 133 14.87 9.38 22.09
CA ARG A 133 13.54 8.98 22.55
C ARG A 133 13.42 9.09 24.06
N ALA A 134 14.32 8.41 24.75
CA ALA A 134 14.30 8.28 26.20
C ALA A 134 14.50 9.57 26.99
N GLU A 135 15.03 10.66 26.40
CA GLU A 135 15.13 11.91 27.15
C GLU A 135 13.77 12.59 27.34
N ARG A 136 12.93 12.56 26.29
CA ARG A 136 11.53 13.02 26.37
C ARG A 136 10.69 12.26 27.42
N LEU A 137 10.96 10.96 27.53
CA LEU A 137 10.19 10.04 28.37
C LEU A 137 10.50 10.15 29.85
N GLY A 138 11.79 10.18 30.23
CA GLY A 138 12.17 10.21 31.65
C GLY A 138 13.56 10.77 31.93
N ASP A 139 14.06 10.41 33.12
CA ASP A 139 15.37 10.83 33.60
C ASP A 139 16.40 9.68 33.50
N ILE A 140 17.57 10.00 32.96
CA ILE A 140 18.63 8.99 32.77
C ILE A 140 19.98 9.51 33.27
N ASP A 141 19.98 9.87 34.53
CA ASP A 141 21.19 10.23 35.25
C ASP A 141 21.52 9.02 36.15
N SER A 142 20.84 7.91 35.88
CA SER A 142 20.78 6.77 36.76
C SER A 142 21.35 5.57 36.02
N GLU A 143 21.44 4.44 36.74
CA GLU A 143 22.08 3.22 36.24
C GLU A 143 21.23 2.48 35.19
N PHE A 144 21.22 3.05 33.98
CA PHE A 144 20.46 2.54 32.86
C PHE A 144 21.49 2.30 31.78
N TYR A 145 21.70 1.04 31.42
CA TYR A 145 22.70 0.65 30.45
C TYR A 145 22.06 0.23 29.16
N LEU A 146 22.63 0.68 28.04
CA LEU A 146 22.12 0.44 26.70
C LEU A 146 23.12 -0.38 25.87
N TYR A 147 22.64 -1.42 25.19
CA TYR A 147 23.51 -2.32 24.42
C TYR A 147 22.81 -2.70 23.13
N ALA A 148 23.23 -2.06 22.04
CA ALA A 148 22.66 -2.30 20.69
C ALA A 148 23.36 -3.46 19.96
N GLU A 149 23.20 -4.67 20.48
CA GLU A 149 23.83 -5.87 19.89
C GLU A 149 22.94 -7.08 20.04
N THR A 150 23.07 -8.03 19.10
CA THR A 150 22.01 -9.04 18.82
C THR A 150 22.33 -10.50 19.11
N ASN A 151 23.60 -10.89 19.21
CA ASN A 151 24.01 -12.26 19.48
C ASN A 151 23.98 -12.57 21.01
N MET A 152 23.33 -13.66 21.45
CA MET A 152 23.17 -13.96 22.91
C MET A 152 24.48 -14.24 23.67
N GLN A 153 25.49 -14.70 22.95
CA GLN A 153 26.80 -15.00 23.55
C GLN A 153 27.45 -13.68 23.96
N SER A 154 27.35 -12.66 23.10
CA SER A 154 27.91 -11.33 23.36
C SER A 154 27.10 -10.57 24.45
N VAL A 155 25.81 -10.89 24.56
CA VAL A 155 24.92 -10.39 25.62
C VAL A 155 25.25 -11.03 26.98
N ARG A 156 25.26 -12.36 27.02
CA ARG A 156 25.61 -13.11 28.26
C ARG A 156 26.83 -12.60 29.05
N ALA A 157 27.88 -12.28 28.29
CA ALA A 157 29.11 -11.75 28.84
C ALA A 157 28.89 -10.44 29.58
N GLU A 158 27.94 -9.63 29.10
CA GLU A 158 27.67 -8.32 29.72
C GLU A 158 26.72 -8.44 30.91
N VAL A 159 25.96 -9.53 30.96
CA VAL A 159 25.05 -9.82 32.08
C VAL A 159 25.86 -10.20 33.33
N GLU A 160 26.88 -11.05 33.15
CA GLU A 160 27.80 -11.41 34.23
C GLU A 160 28.66 -10.24 34.72
N ARG A 161 28.97 -9.29 33.83
CA ARG A 161 29.83 -8.16 34.19
C ARG A 161 29.13 -7.08 35.04
N ILE A 162 28.03 -6.51 34.51
CA ILE A 162 27.33 -5.38 35.19
C ILE A 162 26.32 -5.91 36.23
N GLN A 163 25.89 -7.15 36.08
CA GLN A 163 24.97 -7.85 37.02
C GLN A 163 23.66 -7.07 37.22
N PRO A 164 22.92 -6.88 36.11
CA PRO A 164 21.80 -5.95 36.13
C PRO A 164 20.54 -6.60 36.67
N ASP A 165 19.79 -5.87 37.48
CA ASP A 165 18.58 -6.41 38.14
C ASP A 165 17.43 -6.60 37.13
N PHE A 166 17.42 -5.75 36.11
CA PHE A 166 16.42 -5.79 35.08
C PHE A 166 17.05 -5.82 33.67
N LEU A 167 16.64 -6.81 32.88
CA LEU A 167 17.12 -6.96 31.50
C LEU A 167 15.95 -6.83 30.52
N ILE A 168 16.12 -6.00 29.50
CA ILE A 168 15.07 -5.83 28.48
C ILE A 168 15.62 -6.22 27.12
N ILE A 169 14.94 -7.12 26.42
CA ILE A 169 15.28 -7.46 25.05
C ILE A 169 14.24 -6.85 24.14
N ASP A 170 14.64 -5.77 23.44
CA ASP A 170 13.79 -5.05 22.52
C ASP A 170 13.90 -5.88 21.22
N SER A 171 12.79 -6.50 20.86
CA SER A 171 12.62 -7.47 19.76
C SER A 171 13.31 -8.88 19.72
N ILE A 172 12.70 -9.87 20.37
CA ILE A 172 13.30 -11.22 20.33
C ILE A 172 13.55 -11.75 18.88
N GLN A 173 12.75 -11.26 17.92
CA GLN A 173 12.94 -11.56 16.50
C GLN A 173 14.32 -11.13 15.99
N THR A 174 14.84 -10.04 16.57
CA THR A 174 16.15 -9.49 16.27
C THR A 174 17.24 -9.92 17.28
N ILE A 175 17.19 -11.16 17.74
CA ILE A 175 18.27 -11.69 18.53
C ILE A 175 18.63 -13.05 17.93
N MET A 176 19.94 -13.19 17.70
CA MET A 176 20.45 -14.35 17.00
C MET A 176 21.22 -15.22 17.95
N SER A 177 21.49 -16.41 17.46
CA SER A 177 22.34 -17.40 18.11
C SER A 177 22.63 -18.55 17.14
N PRO A 178 23.77 -19.25 17.32
CA PRO A 178 23.98 -20.43 16.43
C PRO A 178 22.92 -21.58 16.55
N GLU A 179 22.99 -22.56 15.65
CA GLU A 179 22.10 -23.76 15.62
C GLU A 179 20.70 -23.51 15.06
N SER A 186 16.46 -15.92 12.09
CA SER A 186 15.76 -14.91 12.86
C SER A 186 14.29 -15.28 13.28
N VAL A 187 13.82 -16.53 13.06
CA VAL A 187 12.42 -16.97 13.36
C VAL A 187 12.21 -18.28 14.17
N SER A 188 12.72 -19.40 13.68
CA SER A 188 12.67 -20.73 14.38
C SER A 188 13.34 -20.71 15.75
N GLN A 189 14.58 -20.24 15.66
CA GLN A 189 15.49 -20.08 16.73
C GLN A 189 15.03 -19.10 17.79
N VAL A 190 13.90 -18.39 17.62
CA VAL A 190 13.35 -17.60 18.76
C VAL A 190 12.92 -18.45 19.96
N ARG A 191 12.37 -19.64 19.68
CA ARG A 191 11.88 -20.55 20.72
C ARG A 191 13.02 -21.10 21.59
N GLU A 192 14.20 -21.28 20.99
CA GLU A 192 15.38 -21.75 21.71
C GLU A 192 16.06 -20.64 22.50
N VAL A 193 16.02 -19.41 21.99
CA VAL A 193 16.59 -18.25 22.71
C VAL A 193 15.81 -17.94 24.02
N THR A 194 14.47 -17.93 23.92
CA THR A 194 13.58 -17.73 25.10
C THR A 194 13.68 -18.82 26.16
N ALA A 195 13.99 -20.06 25.74
CA ALA A 195 14.26 -21.15 26.66
C ALA A 195 15.55 -20.89 27.46
N GLU A 196 16.56 -20.38 26.76
CA GLU A 196 17.84 -20.02 27.36
C GLU A 196 17.73 -18.77 28.22
N LEU A 197 16.80 -17.88 27.87
CA LEU A 197 16.50 -16.71 28.70
C LEU A 197 15.79 -17.02 30.04
N MET A 198 14.92 -18.04 30.06
CA MET A 198 14.24 -18.46 31.30
C MET A 198 15.24 -19.08 32.27
N GLN A 199 16.19 -19.87 31.73
CA GLN A 199 17.29 -20.42 32.56
C GLN A 199 18.28 -19.32 33.00
N LEU A 200 18.41 -18.26 32.20
CA LEU A 200 19.22 -17.09 32.57
C LEU A 200 18.66 -16.27 33.74
N ALA A 201 17.32 -16.27 33.87
CA ALA A 201 16.62 -15.65 35.00
C ALA A 201 16.88 -16.32 36.34
N LYS A 202 17.27 -17.59 36.31
CA LYS A 202 17.54 -18.32 37.55
C LYS A 202 19.07 -18.30 37.88
N THR A 203 19.93 -18.26 36.86
CA THR A 203 21.40 -18.15 37.07
C THR A 203 21.81 -16.89 37.82
N ASN A 204 21.18 -15.77 37.45
CA ASN A 204 21.49 -14.46 38.04
C ASN A 204 20.35 -13.82 38.85
N ASN A 205 19.19 -14.47 38.96
CA ASN A 205 17.98 -13.88 39.60
C ASN A 205 17.65 -12.43 39.22
N ILE A 206 17.21 -12.28 37.97
CA ILE A 206 16.86 -11.00 37.37
C ILE A 206 15.51 -11.07 36.67
N ALA A 207 14.86 -9.93 36.60
CA ALA A 207 13.63 -9.80 35.84
C ALA A 207 14.01 -9.49 34.39
N ILE A 208 13.41 -10.25 33.45
CA ILE A 208 13.69 -10.07 32.04
C ILE A 208 12.41 -9.84 31.22
N PHE A 209 12.43 -8.76 30.45
CA PHE A 209 11.34 -8.42 29.54
C PHE A 209 11.68 -8.75 28.08
N ILE A 210 10.76 -9.43 27.40
CA ILE A 210 10.91 -9.92 26.03
C ILE A 210 9.85 -9.20 25.20
N VAL A 211 10.23 -8.73 24.01
CA VAL A 211 9.27 -8.08 23.10
C VAL A 211 8.98 -8.99 21.89
N GLY A 212 7.67 -9.14 21.61
CA GLY A 212 7.20 -10.00 20.51
C GLY A 212 6.27 -9.27 19.56
N HIS A 213 6.78 -8.88 18.40
CA HIS A 213 5.95 -8.22 17.39
C HIS A 213 5.03 -9.23 16.73
N VAL A 214 3.75 -8.89 16.55
CA VAL A 214 2.77 -9.85 16.05
C VAL A 214 2.73 -9.65 14.54
N THR A 215 3.16 -10.68 13.81
CA THR A 215 3.38 -10.60 12.37
C THR A 215 2.22 -11.16 11.56
N LYS A 216 2.16 -10.82 10.28
CA LYS A 216 1.27 -11.52 9.35
C LYS A 216 1.43 -13.05 9.51
N GLU A 217 2.66 -13.59 9.38
CA GLU A 217 2.92 -15.05 9.31
C GLU A 217 4.36 -15.55 9.80
N GLY A 218 4.38 -16.26 10.94
CA GLY A 218 5.58 -16.86 11.52
C GLY A 218 6.19 -15.92 12.53
N PRO A 223 5.55 -14.78 18.67
CA PRO A 223 4.90 -14.05 19.79
C PRO A 223 3.81 -14.87 20.49
N ARG A 224 2.90 -15.48 19.72
CA ARG A 224 1.89 -16.42 20.24
C ARG A 224 2.47 -17.81 20.44
N MET A 225 3.70 -18.00 19.98
CA MET A 225 4.43 -19.28 20.04
C MET A 225 5.11 -19.43 21.41
N LEU A 226 5.55 -18.32 21.98
CA LEU A 226 6.28 -18.28 23.26
C LEU A 226 5.35 -18.17 24.50
N GLU A 227 4.06 -17.93 24.28
CA GLU A 227 3.07 -17.66 25.32
C GLU A 227 3.01 -18.72 26.46
N HIS A 228 3.18 -19.99 26.10
CA HIS A 228 3.16 -21.14 27.04
C HIS A 228 4.46 -21.41 27.85
N MET A 229 5.58 -20.80 27.41
CA MET A 229 6.91 -21.05 28.01
C MET A 229 7.54 -19.85 28.73
N VAL A 230 6.74 -18.83 29.06
CA VAL A 230 7.20 -17.63 29.79
C VAL A 230 6.34 -17.41 31.04
N ASP A 231 6.82 -16.56 31.98
CA ASP A 231 6.12 -16.43 33.28
C ASP A 231 4.91 -15.52 33.16
N THR A 232 5.12 -14.36 32.52
CA THR A 232 3.98 -13.43 32.31
C THR A 232 3.85 -13.06 30.82
N VAL A 233 2.63 -13.04 30.31
CA VAL A 233 2.29 -12.69 28.95
C VAL A 233 1.37 -11.48 28.99
N LEU A 234 1.87 -10.40 28.42
CA LEU A 234 1.16 -9.16 28.26
C LEU A 234 0.92 -8.89 26.78
N TYR A 235 -0.23 -8.29 26.47
CA TYR A 235 -0.57 -7.90 25.10
C TYR A 235 -0.93 -6.42 25.09
N PHE A 236 -0.26 -5.66 24.23
CA PHE A 236 -0.45 -4.22 24.10
C PHE A 236 -1.19 -3.96 22.82
N GLU A 237 -2.47 -3.62 22.96
CA GLU A 237 -3.37 -3.55 21.79
C GLU A 237 -4.11 -2.24 21.80
N GLY A 238 -4.33 -1.64 20.64
CA GLY A 238 -4.95 -0.32 20.61
C GLY A 238 -5.43 0.04 19.22
N GLU A 239 -6.73 -0.17 19.01
CA GLU A 239 -7.34 -0.24 17.67
C GLU A 239 -7.40 1.11 16.93
N ARG A 240 -7.56 1.07 15.61
CA ARG A 240 -7.68 2.31 14.80
C ARG A 240 -8.77 3.28 15.30
N HIS A 241 -9.84 2.73 15.88
CA HIS A 241 -10.99 3.52 16.37
C HIS A 241 -10.75 4.18 17.74
N HIS A 242 -10.09 3.48 18.66
CA HIS A 242 -9.75 4.09 19.95
C HIS A 242 -8.44 4.87 19.84
N THR A 243 -8.40 6.08 20.40
CA THR A 243 -7.11 6.76 20.60
C THR A 243 -6.31 6.08 21.76
N PHE A 244 -7.01 5.33 22.63
CA PHE A 244 -6.29 4.56 23.64
C PHE A 244 -5.88 3.09 23.50
N ARG A 245 -4.68 2.84 24.02
CA ARG A 245 -3.97 1.56 23.97
C ARG A 245 -4.08 0.86 25.32
N ILE A 246 -4.38 -0.43 25.29
CA ILE A 246 -4.63 -1.22 26.46
C ILE A 246 -3.60 -2.33 26.58
N LEU A 247 -3.14 -2.51 27.82
CA LEU A 247 -2.16 -3.52 28.17
C LEU A 247 -2.86 -4.54 29.04
N ARG A 248 -3.01 -5.75 28.51
CA ARG A 248 -3.72 -6.84 29.20
C ARG A 248 -2.84 -8.02 29.47
N ALA A 249 -3.06 -8.65 30.63
CA ALA A 249 -2.33 -9.85 31.01
C ALA A 249 -3.11 -11.08 30.54
N VAL A 250 -2.56 -11.78 29.57
CA VAL A 250 -3.16 -12.99 29.05
C VAL A 250 -2.85 -14.19 29.97
N LYS A 251 -1.59 -14.32 30.41
CA LYS A 251 -1.11 -15.38 31.32
C LYS A 251 -0.27 -14.72 32.38
N ASN A 252 -0.57 -14.91 33.65
CA ASN A 252 0.24 -14.30 34.72
C ASN A 252 0.44 -15.33 35.84
N ARG A 253 1.71 -15.65 36.10
CA ARG A 253 2.09 -16.61 37.14
C ARG A 253 2.18 -16.00 38.51
N PHE A 254 2.25 -14.66 38.55
CA PHE A 254 2.41 -13.89 39.78
C PHE A 254 1.29 -12.84 39.90
N GLY A 255 0.12 -13.15 39.34
CA GLY A 255 -1.04 -12.25 39.40
C GLY A 255 -2.26 -12.70 38.62
N SER A 256 -3.29 -11.87 38.66
CA SER A 256 -4.55 -12.13 37.98
C SER A 256 -4.49 -11.79 36.50
N THR A 257 -5.23 -12.55 35.69
CA THR A 257 -5.31 -12.31 34.24
C THR A 257 -6.41 -11.30 33.85
N ASN A 258 -7.40 -11.09 34.72
CA ASN A 258 -8.39 -10.05 34.47
C ASN A 258 -7.89 -8.58 34.58
N GLU A 259 -6.65 -8.35 35.01
CA GLU A 259 -6.07 -6.99 35.13
C GLU A 259 -5.66 -6.32 33.81
N ILE A 260 -5.89 -5.02 33.76
CA ILE A 260 -5.72 -4.19 32.59
C ILE A 260 -5.06 -2.85 32.90
N GLY A 261 -4.31 -2.31 31.93
CA GLY A 261 -3.68 -1.02 32.07
C GLY A 261 -3.97 -0.18 30.84
N ILE A 262 -4.69 0.93 31.03
CA ILE A 262 -5.04 1.79 29.91
C ILE A 262 -4.02 2.93 29.79
N PHE A 263 -3.51 3.14 28.57
CA PHE A 263 -2.59 4.25 28.23
C PHE A 263 -2.95 4.92 26.92
N GLU A 264 -2.62 6.19 26.79
CA GLU A 264 -2.90 7.02 25.64
C GLU A 264 -1.55 7.52 25.16
N MET A 265 -1.17 7.22 23.93
CA MET A 265 0.09 7.75 23.35
C MET A 265 -0.05 9.21 23.00
N GLN A 266 0.78 10.04 23.60
CA GLN A 266 0.82 11.45 23.36
C GLN A 266 2.19 11.80 22.79
N SER A 267 2.39 13.08 22.52
CA SER A 267 3.57 13.54 21.83
C SER A 267 4.84 13.15 22.58
N GLY A 268 4.82 13.25 23.91
CA GLY A 268 5.97 12.81 24.73
C GLY A 268 6.19 11.30 24.66
N GLY A 269 5.19 10.56 25.13
CA GLY A 269 5.16 9.11 25.02
C GLY A 269 3.83 8.63 25.54
N LEU A 270 3.81 7.48 26.22
CA LEU A 270 2.55 6.93 26.73
C LEU A 270 2.14 7.55 28.06
N VAL A 271 0.93 8.12 28.11
CA VAL A 271 0.36 8.74 29.31
C VAL A 271 -0.71 7.79 29.85
N GLU A 272 -0.69 7.47 31.12
CA GLU A 272 -1.66 6.51 31.68
C GLU A 272 -3.02 7.12 31.76
N VAL A 273 -4.05 6.28 31.64
CA VAL A 273 -5.45 6.72 31.76
C VAL A 273 -6.05 6.05 33.00
N LEU A 274 -5.96 6.75 34.11
CA LEU A 274 -6.50 6.29 35.36
C LEU A 274 -7.83 7.00 35.15
N ASN A 275 -8.92 6.63 35.78
CA ASN A 275 -10.26 7.28 35.38
C ASN A 275 -10.59 7.43 33.85
N PRO A 276 -10.92 6.31 33.18
CA PRO A 276 -11.40 6.30 31.81
C PRO A 276 -12.90 6.67 31.66
N SER A 277 -13.68 6.59 32.73
CA SER A 277 -15.07 7.01 32.75
C SER A 277 -15.20 8.45 32.26
N GLN A 278 -14.15 9.26 32.38
CA GLN A 278 -14.15 10.65 31.89
C GLN A 278 -14.01 10.76 30.39
N VAL A 279 -13.42 9.76 29.73
CA VAL A 279 -13.28 9.80 28.24
C VAL A 279 -14.61 9.62 27.50
N PHE A 280 -15.40 8.64 27.95
CA PHE A 280 -16.73 8.37 27.42
C PHE A 280 -17.71 9.54 27.65
N LEU A 281 -17.59 10.21 28.80
CA LEU A 281 -18.40 11.39 29.14
C LEU A 281 -18.02 12.63 28.33
N GLU A 282 -16.71 12.88 28.17
CA GLU A 282 -16.23 13.93 27.22
C GLU A 282 -16.65 13.62 25.79
N GLU A 283 -16.51 12.35 25.36
CA GLU A 283 -16.92 11.96 23.98
C GLU A 283 -18.43 12.09 23.67
N ARG A 284 -19.28 12.09 24.68
CA ARG A 284 -20.75 12.23 24.42
C ARG A 284 -21.15 13.71 24.35
N LEU A 285 -22.01 14.10 23.41
CA LEU A 285 -22.52 15.48 23.35
C LEU A 285 -23.58 15.73 24.41
N ASP A 286 -24.20 16.90 24.39
CA ASP A 286 -25.20 17.28 25.42
C ASP A 286 -26.51 16.48 25.29
N GLY A 287 -27.17 16.59 24.12
CA GLY A 287 -28.47 15.94 23.93
C GLY A 287 -28.25 14.71 23.09
N ALA A 288 -27.25 13.92 23.46
CA ALA A 288 -26.97 12.72 22.70
C ALA A 288 -28.16 11.84 22.75
N THR A 289 -28.40 11.11 21.68
CA THR A 289 -29.54 10.24 21.64
C THR A 289 -29.31 9.25 20.51
N GLY A 290 -29.64 8.00 20.75
CA GLY A 290 -29.39 6.97 19.75
C GLY A 290 -28.01 6.35 19.77
N SER A 291 -27.26 6.69 20.80
CA SER A 291 -25.97 6.11 21.04
C SER A 291 -26.17 5.05 22.12
N SER A 292 -25.58 3.85 21.96
CA SER A 292 -25.47 2.86 23.07
C SER A 292 -24.15 2.05 23.05
N ILE A 293 -23.79 1.38 24.15
CA ILE A 293 -22.49 0.69 24.27
C ILE A 293 -22.61 -0.83 24.51
N VAL A 294 -21.80 -1.60 23.80
CA VAL A 294 -21.82 -3.04 23.88
C VAL A 294 -20.44 -3.53 24.22
N VAL A 295 -20.33 -4.60 24.99
CA VAL A 295 -19.04 -5.23 25.31
C VAL A 295 -19.06 -6.47 24.46
N THR A 296 -18.46 -6.35 23.28
CA THR A 296 -18.36 -7.42 22.30
C THR A 296 -17.03 -8.13 22.43
N MET A 297 -16.76 -9.11 21.58
CA MET A 297 -15.56 -9.95 21.62
C MET A 297 -14.96 -10.16 20.26
N GLU A 298 -13.64 -9.97 20.16
CA GLU A 298 -12.91 -10.17 18.91
C GLU A 298 -12.06 -11.40 19.21
N GLY A 299 -12.72 -12.54 19.12
CA GLY A 299 -12.17 -13.81 19.55
C GLY A 299 -12.31 -13.88 21.04
N THR A 300 -11.18 -13.75 21.72
CA THR A 300 -11.15 -13.68 23.18
C THR A 300 -11.00 -12.25 23.77
N ARG A 301 -10.44 -11.31 22.99
CA ARG A 301 -10.28 -9.93 23.42
C ARG A 301 -11.64 -9.33 23.54
N PRO A 302 -12.02 -8.79 24.72
CA PRO A 302 -13.27 -8.08 24.79
C PRO A 302 -13.05 -6.67 24.34
N ILE A 303 -13.64 -6.37 23.18
CA ILE A 303 -13.69 -5.04 22.62
C ILE A 303 -14.98 -4.35 23.08
N LEU A 304 -14.90 -3.05 23.34
CA LEU A 304 -16.02 -2.29 23.89
C LEU A 304 -16.40 -1.36 22.80
N ALA A 305 -17.66 -1.37 22.35
CA ALA A 305 -18.01 -0.63 21.14
C ALA A 305 -19.30 0.15 21.22
N GLU A 306 -19.38 1.20 20.41
CA GLU A 306 -20.52 2.09 20.38
C GLU A 306 -21.36 1.86 19.13
N VAL A 307 -22.64 1.65 19.38
CA VAL A 307 -23.62 1.50 18.35
C VAL A 307 -24.35 2.82 18.27
N GLN A 308 -24.62 3.25 17.05
CA GLN A 308 -25.30 4.49 16.77
C GLN A 308 -26.51 4.25 15.87
N ALA A 309 -27.61 4.94 16.18
CA ALA A 309 -28.88 4.85 15.46
C ALA A 309 -29.48 6.23 15.23
N LEU A 310 -30.03 6.42 14.03
CA LEU A 310 -30.75 7.62 13.67
C LEU A 310 -32.03 7.12 13.10
N VAL A 311 -33.07 7.20 13.93
CA VAL A 311 -34.43 6.87 13.52
C VAL A 311 -35.11 8.19 13.23
N THR A 312 -35.72 8.31 12.06
CA THR A 312 -36.37 9.55 11.69
C THR A 312 -37.53 9.19 10.74
N PRO A 313 -38.65 9.94 10.79
CA PRO A 313 -39.78 9.53 9.98
C PRO A 313 -39.49 9.60 8.53
N THR A 314 -40.03 8.63 7.78
CA THR A 314 -39.88 8.58 6.31
C THR A 314 -40.64 9.73 5.71
N MET A 315 -40.14 10.34 4.64
CA MET A 315 -40.90 11.38 3.95
C MET A 315 -41.53 10.87 2.65
N PHE A 316 -40.79 9.98 1.99
CA PHE A 316 -40.97 9.43 0.65
C PHE A 316 -41.86 8.22 0.80
N GLY A 317 -41.97 7.47 -0.28
CA GLY A 317 -42.58 6.15 -0.32
C GLY A 317 -42.02 5.12 0.63
N ASN A 318 -40.87 4.55 0.28
CA ASN A 318 -40.32 3.46 1.11
C ASN A 318 -39.44 3.93 2.27
N ALA A 319 -39.61 3.25 3.41
CA ALA A 319 -38.81 3.52 4.60
C ALA A 319 -37.43 2.93 4.35
N LYS A 320 -36.41 3.75 4.64
CA LYS A 320 -35.02 3.43 4.41
C LYS A 320 -34.40 2.69 5.59
N ARG A 321 -33.54 1.74 5.29
CA ARG A 321 -32.77 1.10 6.29
C ARG A 321 -31.34 0.98 5.85
N THR A 322 -30.43 1.57 6.61
CA THR A 322 -29.03 1.55 6.20
C THR A 322 -28.09 1.32 7.36
N THR A 323 -27.25 0.29 7.28
CA THR A 323 -26.32 -0.04 8.33
C THR A 323 -24.85 0.07 7.86
N THR A 324 -23.97 0.39 8.80
CA THR A 324 -22.54 0.37 8.53
C THR A 324 -21.89 -0.21 9.73
N GLY A 325 -21.33 -1.41 9.56
CA GLY A 325 -20.67 -2.10 10.64
C GLY A 325 -21.51 -3.18 11.29
N LEU A 326 -22.84 -3.14 11.10
CA LEU A 326 -23.74 -4.20 11.64
C LEU A 326 -24.32 -4.89 10.47
N ASP A 327 -24.64 -6.16 10.63
CA ASP A 327 -25.35 -6.89 9.58
C ASP A 327 -26.74 -6.31 9.38
N PHE A 328 -27.06 -6.01 8.13
CA PHE A 328 -28.35 -5.38 7.80
C PHE A 328 -29.60 -6.18 8.24
N ASN A 329 -29.63 -7.44 7.84
CA ASN A 329 -30.65 -8.38 8.25
C ASN A 329 -30.78 -8.58 9.76
N ARG A 330 -29.67 -8.60 10.48
CA ARG A 330 -29.76 -8.65 11.92
C ARG A 330 -30.56 -7.41 12.39
N ALA A 331 -30.23 -6.25 11.85
CA ALA A 331 -30.93 -5.03 12.28
C ALA A 331 -32.38 -5.05 11.90
N SER A 332 -32.66 -5.53 10.70
CA SER A 332 -34.05 -5.69 10.24
C SER A 332 -34.91 -6.51 11.17
N LEU A 333 -34.42 -7.67 11.61
CA LEU A 333 -35.11 -8.48 12.65
C LEU A 333 -35.25 -7.74 13.96
N ILE A 334 -34.20 -7.06 14.41
CA ILE A 334 -34.31 -6.32 15.67
C ILE A 334 -35.45 -5.32 15.65
N MET A 335 -35.62 -4.68 14.51
CA MET A 335 -36.69 -3.70 14.37
C MET A 335 -38.06 -4.38 14.41
N ALA A 336 -38.15 -5.54 13.80
CA ALA A 336 -39.39 -6.30 13.82
C ALA A 336 -39.74 -6.70 15.27
N VAL A 337 -38.76 -7.15 16.02
CA VAL A 337 -38.97 -7.50 17.40
C VAL A 337 -39.31 -6.27 18.23
N LEU A 338 -38.65 -5.15 18.03
CA LEU A 338 -39.09 -3.89 18.70
C LEU A 338 -40.51 -3.44 18.34
N GLU A 339 -40.90 -3.58 17.08
CA GLU A 339 -42.26 -3.19 16.73
C GLU A 339 -43.23 -4.19 17.34
N LYS A 340 -42.98 -5.49 17.16
CA LYS A 340 -43.99 -6.52 17.56
C LYS A 340 -44.00 -6.81 19.05
N ARG A 341 -42.89 -6.67 19.72
CA ARG A 341 -42.81 -6.98 21.15
C ARG A 341 -42.81 -5.73 22.00
N ALA A 342 -41.97 -4.77 21.68
CA ALA A 342 -41.83 -3.54 22.48
C ALA A 342 -42.87 -2.51 22.13
N GLY A 343 -43.42 -2.60 20.94
CA GLY A 343 -44.50 -1.72 20.57
C GLY A 343 -44.06 -0.41 19.96
N LEU A 344 -42.90 -0.37 19.35
CA LEU A 344 -42.46 0.84 18.71
C LEU A 344 -43.00 0.88 17.28
N LEU A 345 -43.71 1.92 16.90
CA LEU A 345 -44.15 2.11 15.48
C LEU A 345 -43.03 2.54 14.56
N LEU A 346 -42.23 1.57 14.13
CA LEU A 346 -41.08 1.80 13.24
C LEU A 346 -41.39 1.55 11.75
N GLN A 347 -42.61 1.14 11.43
CA GLN A 347 -43.00 0.82 10.05
C GLN A 347 -42.68 1.97 9.08
N ASN A 348 -43.09 3.19 9.46
CA ASN A 348 -42.93 4.46 8.70
C ASN A 348 -41.70 5.33 9.11
N GLN A 349 -40.75 4.71 9.80
CA GLN A 349 -39.53 5.37 10.20
C GLN A 349 -38.32 4.81 9.43
N ASP A 350 -37.55 5.72 8.85
CA ASP A 350 -36.22 5.46 8.34
C ASP A 350 -35.25 5.12 9.46
N ALA A 351 -34.26 4.27 9.16
CA ALA A 351 -33.26 3.92 10.16
C ALA A 351 -31.89 3.84 9.59
N TYR A 352 -31.00 4.62 10.18
CA TYR A 352 -29.58 4.60 9.82
C TYR A 352 -28.85 4.09 11.06
N LEU A 353 -28.00 3.07 10.89
CA LEU A 353 -27.27 2.44 11.97
C LEU A 353 -25.81 2.36 11.65
N LYS A 354 -25.00 2.59 12.67
CA LYS A 354 -23.55 2.70 12.47
C LYS A 354 -22.86 2.13 13.68
N SER A 355 -21.80 1.43 13.41
CA SER A 355 -20.91 0.98 14.44
C SER A 355 -19.85 1.99 14.45
N ALA A 356 -19.73 2.72 15.55
CA ALA A 356 -18.70 3.75 15.65
C ALA A 356 -17.32 3.14 15.66
N GLY A 357 -16.44 3.74 14.90
CA GLY A 357 -15.08 3.23 14.78
C GLY A 357 -14.82 2.39 13.56
N GLY A 358 -15.87 1.88 12.93
CA GLY A 358 -15.69 0.93 11.84
C GLY A 358 -15.40 -0.46 12.38
N VAL A 359 -15.84 -0.70 13.62
CA VAL A 359 -15.78 -1.99 14.25
C VAL A 359 -16.86 -2.82 13.53
N LYS A 360 -16.51 -4.01 13.07
CA LYS A 360 -17.49 -4.96 12.52
C LYS A 360 -18.17 -5.55 13.76
N LEU A 361 -19.50 -5.54 13.82
CA LEU A 361 -20.20 -6.15 14.94
C LEU A 361 -21.01 -7.34 14.47
N ASP A 362 -20.38 -8.52 14.53
CA ASP A 362 -21.00 -9.72 13.98
C ASP A 362 -21.08 -10.86 14.98
N GLU A 363 -21.85 -10.65 16.04
CA GLU A 363 -21.91 -11.51 17.19
C GLU A 363 -23.32 -11.34 17.77
N PRO A 364 -23.92 -12.42 18.25
CA PRO A 364 -25.27 -12.28 18.77
C PRO A 364 -25.41 -11.32 19.91
N ALA A 365 -24.42 -11.23 20.74
CA ALA A 365 -24.45 -10.33 21.91
C ALA A 365 -24.72 -8.85 21.62
N ILE A 366 -24.41 -8.41 20.41
CA ILE A 366 -24.67 -7.01 20.07
C ILE A 366 -26.16 -6.60 19.90
N ASP A 367 -27.06 -7.57 19.82
CA ASP A 367 -28.48 -7.34 19.55
C ASP A 367 -29.09 -6.32 20.53
N LEU A 368 -28.85 -6.50 21.82
CA LEU A 368 -29.54 -5.66 22.82
C LEU A 368 -29.11 -4.21 22.72
N ALA A 369 -27.80 -4.02 22.55
CA ALA A 369 -27.27 -2.66 22.37
C ALA A 369 -27.87 -1.91 21.14
N VAL A 370 -27.97 -2.60 20.03
CA VAL A 370 -28.64 -2.08 18.85
C VAL A 370 -30.14 -1.83 19.07
N ALA A 371 -30.85 -2.78 19.70
CA ALA A 371 -32.26 -2.48 20.09
C ALA A 371 -32.41 -1.24 20.99
N VAL A 372 -31.53 -1.11 21.99
CA VAL A 372 -31.56 0.06 22.85
C VAL A 372 -31.18 1.34 22.11
N ALA A 373 -30.19 1.28 21.23
CA ALA A 373 -29.81 2.44 20.40
C ALA A 373 -31.00 2.96 19.59
N ILE A 374 -31.64 2.05 18.86
CA ILE A 374 -32.77 2.40 18.03
C ILE A 374 -33.86 3.02 18.89
N ALA A 375 -34.26 2.31 19.93
CA ALA A 375 -35.28 2.81 20.83
C ALA A 375 -34.90 4.19 21.37
N SER A 376 -33.65 4.40 21.73
CA SER A 376 -33.21 5.70 22.23
C SER A 376 -33.41 6.83 21.20
N SER A 377 -33.14 6.54 19.94
CA SER A 377 -33.32 7.53 18.89
C SER A 377 -34.80 7.73 18.58
N TYR A 378 -35.55 6.64 18.54
CA TYR A 378 -37.00 6.68 18.32
C TYR A 378 -37.72 7.47 19.36
N LYS A 379 -37.37 7.18 20.60
CA LYS A 379 -37.94 7.80 21.76
C LYS A 379 -37.41 9.18 22.02
N ASP A 380 -36.29 9.54 21.42
CA ASP A 380 -35.58 10.79 21.74
C ASP A 380 -35.27 11.00 23.26
N LYS A 381 -34.76 9.94 23.87
CA LYS A 381 -34.42 9.86 25.26
C LYS A 381 -33.01 9.26 25.23
N PRO A 382 -32.04 9.90 25.87
CA PRO A 382 -30.68 9.35 25.83
C PRO A 382 -30.45 8.17 26.74
N THR A 383 -29.42 7.39 26.44
CA THR A 383 -28.94 6.41 27.38
C THR A 383 -27.85 7.01 28.25
N ASN A 384 -27.54 6.36 29.35
CA ASN A 384 -26.38 6.74 30.19
C ASN A 384 -25.06 6.37 29.52
N PRO A 385 -24.06 7.26 29.52
CA PRO A 385 -22.81 6.88 28.86
C PRO A 385 -21.94 5.93 29.63
N GLN A 386 -22.24 5.69 30.90
CA GLN A 386 -21.51 4.72 31.70
C GLN A 386 -22.33 3.45 31.93
N GLU A 387 -23.35 3.23 31.13
CA GLU A 387 -24.07 1.96 31.17
C GLU A 387 -23.87 1.27 29.84
N CYS A 388 -23.74 -0.03 29.89
CA CYS A 388 -23.61 -0.81 28.68
C CYS A 388 -24.51 -2.05 28.67
N PHE A 389 -24.65 -2.65 27.48
CA PHE A 389 -25.63 -3.70 27.28
C PHE A 389 -25.06 -4.89 26.54
N VAL A 390 -25.39 -6.09 27.02
CA VAL A 390 -24.93 -7.33 26.43
C VAL A 390 -26.11 -8.28 26.38
N GLY A 391 -26.38 -8.87 25.23
CA GLY A 391 -27.48 -9.85 25.10
C GLY A 391 -27.96 -10.09 23.68
N GLU A 392 -28.14 -11.37 23.33
CA GLU A 392 -28.82 -11.78 22.10
C GLU A 392 -30.28 -11.57 22.30
N LEU A 393 -30.98 -11.12 21.28
CA LEU A 393 -32.39 -10.82 21.44
C LEU A 393 -33.15 -11.84 20.64
N GLY A 394 -34.05 -12.58 21.26
CA GLY A 394 -34.83 -13.58 20.52
C GLY A 394 -36.04 -12.95 19.88
N LEU A 395 -36.64 -13.64 18.91
CA LEU A 395 -37.79 -13.10 18.22
C LEU A 395 -39.04 -13.00 19.07
N THR A 396 -39.03 -13.60 20.26
CA THR A 396 -40.11 -13.47 21.24
C THR A 396 -39.91 -12.29 22.18
N GLY A 397 -38.86 -11.49 21.97
CA GLY A 397 -38.56 -10.41 22.87
C GLY A 397 -37.64 -10.77 24.01
N GLU A 398 -37.46 -12.05 24.25
CA GLU A 398 -36.48 -12.56 25.22
C GLU A 398 -35.03 -12.09 25.02
N ILE A 399 -34.28 -11.99 26.12
CA ILE A 399 -32.88 -11.61 26.06
C ILE A 399 -32.17 -12.87 26.41
N ARG A 400 -31.65 -13.55 25.39
CA ARG A 400 -30.95 -14.83 25.52
C ARG A 400 -29.50 -14.72 26.05
N ARG A 401 -29.02 -15.85 26.54
CA ARG A 401 -27.66 -15.98 27.05
C ARG A 401 -26.56 -15.66 26.06
N VAL A 402 -25.39 -15.27 26.57
CA VAL A 402 -24.19 -15.09 25.74
C VAL A 402 -22.93 -15.67 26.38
N ASN A 403 -22.01 -16.07 25.53
CA ASN A 403 -20.70 -16.59 25.94
C ASN A 403 -19.82 -15.56 26.58
N ARG A 404 -18.92 -16.01 27.46
CA ARG A 404 -17.92 -15.17 28.12
C ARG A 404 -18.50 -13.99 28.90
N ILE A 405 -19.56 -14.22 29.67
CA ILE A 405 -20.22 -13.10 30.36
C ILE A 405 -19.35 -12.52 31.48
N GLU A 406 -18.60 -13.38 32.13
CA GLU A 406 -17.80 -12.94 33.25
C GLU A 406 -16.71 -11.99 32.74
N GLN A 407 -16.10 -12.32 31.60
CA GLN A 407 -15.06 -11.48 30.98
C GLN A 407 -15.61 -10.13 30.55
N ARG A 408 -16.85 -10.10 30.06
CA ARG A 408 -17.45 -8.88 29.56
C ARG A 408 -17.77 -7.94 30.70
N ILE A 409 -18.30 -8.49 31.81
CA ILE A 409 -18.62 -7.69 32.99
C ILE A 409 -17.33 -7.12 33.58
N ASN A 410 -16.29 -7.96 33.64
CA ASN A 410 -14.98 -7.50 34.11
C ASN A 410 -14.47 -6.33 33.30
N GLU A 411 -14.47 -6.49 31.98
CA GLU A 411 -13.93 -5.45 31.09
C GLU A 411 -14.71 -4.16 31.18
N ALA A 412 -16.01 -4.24 31.34
CA ALA A 412 -16.84 -3.04 31.48
C ALA A 412 -16.50 -2.28 32.73
N ALA A 413 -16.39 -3.02 33.83
CA ALA A 413 -16.08 -2.41 35.13
C ALA A 413 -14.77 -1.64 35.09
N LYS A 414 -13.76 -2.26 34.45
CA LYS A 414 -12.37 -1.71 34.36
C LYS A 414 -12.27 -0.45 33.51
N LEU A 415 -13.16 -0.30 32.56
CA LEU A 415 -13.20 0.90 31.75
C LEU A 415 -14.19 1.92 32.33
N GLY A 416 -14.56 1.75 33.59
CA GLY A 416 -15.27 2.82 34.29
C GLY A 416 -16.74 2.90 33.99
N PHE A 417 -17.35 1.75 33.84
CA PHE A 417 -18.78 1.70 33.66
C PHE A 417 -19.45 1.43 35.00
N THR A 418 -20.65 1.96 35.17
CA THR A 418 -21.39 1.87 36.42
C THR A 418 -22.55 0.87 36.39
N LYS A 419 -23.16 0.64 35.23
CA LYS A 419 -24.19 -0.38 35.04
C LYS A 419 -23.86 -1.27 33.88
N ILE A 420 -24.34 -2.51 33.92
CA ILE A 420 -24.27 -3.36 32.73
C ILE A 420 -25.48 -4.30 32.67
N TYR A 421 -26.20 -4.20 31.58
CA TYR A 421 -27.40 -5.01 31.45
C TYR A 421 -26.98 -6.27 30.74
N VAL A 422 -27.23 -7.38 31.41
CA VAL A 422 -26.81 -8.68 30.93
C VAL A 422 -28.02 -9.62 30.89
N PRO A 423 -27.91 -10.76 30.22
CA PRO A 423 -29.05 -11.66 30.29
C PRO A 423 -29.12 -12.32 31.65
N LYS A 424 -30.33 -12.41 32.18
CA LYS A 424 -30.51 -12.89 33.54
C LYS A 424 -30.06 -14.33 33.72
N ASN A 425 -30.27 -15.16 32.69
CA ASN A 425 -29.85 -16.56 32.77
C ASN A 425 -28.34 -16.77 32.84
N SER A 426 -27.57 -15.82 32.31
CA SER A 426 -26.10 -15.93 32.26
C SER A 426 -25.42 -15.84 33.62
N LEU A 427 -26.13 -15.34 34.63
CA LEU A 427 -25.55 -15.07 35.94
C LEU A 427 -25.47 -16.24 36.90
N THR A 428 -25.90 -17.44 36.51
CA THR A 428 -26.00 -18.55 37.47
C THR A 428 -24.63 -18.88 38.06
N GLY A 429 -24.48 -18.60 39.35
CA GLY A 429 -23.24 -18.85 40.05
C GLY A 429 -22.01 -18.16 39.49
N ILE A 430 -22.09 -16.85 39.28
CA ILE A 430 -20.94 -16.05 38.84
C ILE A 430 -20.73 -14.93 39.87
N THR A 431 -19.49 -14.72 40.31
CA THR A 431 -19.20 -13.65 41.28
C THR A 431 -19.05 -12.31 40.56
N LEU A 432 -19.73 -11.29 41.07
CA LEU A 432 -19.85 -10.00 40.36
C LEU A 432 -18.93 -8.99 41.01
N PRO A 433 -18.21 -8.17 40.19
CA PRO A 433 -17.31 -7.19 40.78
C PRO A 433 -18.05 -6.04 41.43
N LYS A 434 -17.54 -5.59 42.55
CA LYS A 434 -18.22 -4.59 43.36
C LYS A 434 -18.26 -3.22 42.75
N GLU A 435 -17.54 -2.99 41.66
CA GLU A 435 -17.44 -1.65 41.07
C GLU A 435 -18.49 -1.39 39.99
N ILE A 436 -19.33 -2.38 39.70
CA ILE A 436 -20.30 -2.28 38.63
C ILE A 436 -21.63 -2.95 38.98
N GLN A 437 -22.73 -2.27 38.63
CA GLN A 437 -24.07 -2.82 38.87
C GLN A 437 -24.49 -3.72 37.71
N VAL A 438 -24.58 -5.01 37.96
CA VAL A 438 -24.95 -5.99 36.93
C VAL A 438 -26.44 -6.15 37.03
N ILE A 439 -27.15 -5.79 35.97
CA ILE A 439 -28.59 -5.99 35.93
C ILE A 439 -28.92 -7.11 34.94
N GLY A 440 -29.37 -8.25 35.46
CA GLY A 440 -29.89 -9.32 34.63
C GLY A 440 -31.31 -9.02 34.13
N VAL A 441 -31.51 -9.11 32.82
CA VAL A 441 -32.83 -8.82 32.25
C VAL A 441 -33.30 -10.03 31.51
N THR A 442 -34.59 -10.10 31.23
CA THR A 442 -35.19 -11.29 30.58
C THR A 442 -35.90 -10.94 29.30
N THR A 443 -36.55 -9.77 29.25
CA THR A 443 -37.22 -9.31 28.03
C THR A 443 -36.81 -7.92 27.60
N ILE A 444 -36.98 -7.65 26.32
CA ILE A 444 -36.66 -6.32 25.77
C ILE A 444 -37.55 -5.23 26.40
N GLN A 445 -38.78 -5.57 26.74
CA GLN A 445 -39.71 -4.58 27.31
C GLN A 445 -39.17 -4.13 28.65
N GLU A 446 -38.74 -5.11 29.42
CA GLU A 446 -38.15 -4.90 30.72
C GLU A 446 -36.97 -3.95 30.62
N VAL A 447 -36.14 -4.12 29.61
CA VAL A 447 -34.94 -3.30 29.47
C VAL A 447 -35.34 -1.89 29.16
N LEU A 448 -36.18 -1.70 28.15
CA LEU A 448 -36.57 -0.36 27.76
C LEU A 448 -37.31 0.34 28.87
N LYS A 449 -38.10 -0.41 29.64
CA LYS A 449 -38.71 0.19 30.83
C LYS A 449 -37.63 0.72 31.78
N LYS A 450 -36.55 -0.05 31.95
CA LYS A 450 -35.52 0.30 32.93
C LYS A 450 -34.70 1.46 32.44
N VAL A 451 -34.39 1.43 31.16
CA VAL A 451 -33.52 2.39 30.57
C VAL A 451 -34.24 3.68 30.37
N PHE A 452 -35.47 3.67 29.85
CA PHE A 452 -36.19 4.96 29.66
C PHE A 452 -37.45 5.17 30.54
N THR B 54 30.19 -3.20 19.51
CA THR B 54 30.06 -2.25 20.65
C THR B 54 29.96 -2.98 21.99
N LYS B 55 30.29 -2.29 23.07
CA LYS B 55 30.05 -2.78 24.44
C LYS B 55 28.93 -2.00 25.10
N PRO B 56 28.24 -2.61 26.11
CA PRO B 56 27.17 -1.83 26.72
C PRO B 56 27.71 -0.54 27.28
N MET B 57 26.83 0.44 27.34
CA MET B 57 27.21 1.79 27.58
C MET B 57 26.09 2.49 28.29
N LYS B 58 26.45 3.37 29.21
CA LYS B 58 25.46 4.13 29.97
C LYS B 58 24.81 5.19 29.09
N LEU B 59 23.50 5.35 29.28
CA LEU B 59 22.75 6.26 28.40
C LEU B 59 23.11 7.73 28.55
N ALA B 60 23.60 8.14 29.73
CA ALA B 60 24.12 9.48 29.95
C ALA B 60 25.38 9.77 29.10
N GLU B 61 25.91 8.73 28.43
CA GLU B 61 27.14 8.86 27.62
C GLU B 61 27.05 8.39 26.16
N VAL B 62 26.08 8.92 25.41
CA VAL B 62 25.83 8.59 24.01
C VAL B 62 25.61 9.84 23.14
N THR B 63 26.17 9.84 21.93
CA THR B 63 25.94 10.91 20.97
C THR B 63 26.14 10.47 19.52
N ASN B 68 29.29 12.31 12.04
CA ASN B 68 29.20 13.13 10.83
C ASN B 68 29.25 12.35 9.48
N ARG B 69 28.70 13.00 8.47
CA ARG B 69 28.12 12.36 7.33
C ARG B 69 28.45 13.16 6.10
N THR B 70 28.26 12.53 4.94
CA THR B 70 28.47 13.20 3.65
C THR B 70 27.12 13.56 3.04
N LYS B 71 26.84 14.86 2.93
CA LYS B 71 25.59 15.35 2.32
C LYS B 71 25.70 15.44 0.80
N THR B 72 24.57 15.28 0.12
CA THR B 72 24.40 15.50 -1.31
C THR B 72 23.51 16.76 -1.55
N GLU B 73 23.48 17.26 -2.79
CA GLU B 73 22.74 18.51 -3.11
C GLU B 73 21.20 18.39 -2.98
N MET B 74 20.80 17.12 -3.08
CA MET B 74 19.45 16.60 -2.86
C MET B 74 19.13 16.53 -1.37
N GLU B 75 18.51 17.61 -0.88
CA GLU B 75 18.04 17.75 0.50
C GLU B 75 17.20 16.57 0.98
N GLU B 76 16.33 16.05 0.10
CA GLU B 76 15.42 14.95 0.41
C GLU B 76 16.14 13.64 0.70
N PHE B 77 17.04 13.24 -0.20
CA PHE B 77 17.88 12.03 -0.04
C PHE B 77 18.72 12.05 1.25
N ASN B 78 19.18 13.23 1.65
CA ASN B 78 19.91 13.38 2.91
C ASN B 78 19.06 13.11 4.14
N ARG B 79 17.83 13.63 4.15
CA ARG B 79 16.90 13.45 5.28
C ARG B 79 16.56 11.99 5.52
N VAL B 80 16.40 11.27 4.42
CA VAL B 80 16.05 9.86 4.44
C VAL B 80 17.15 9.02 5.11
N LEU B 81 18.40 9.27 4.75
CA LEU B 81 19.54 8.61 5.37
C LEU B 81 19.82 9.13 6.78
N GLY B 82 19.06 10.12 7.24
CA GLY B 82 19.21 10.67 8.57
C GLY B 82 20.35 11.65 8.68
N GLY B 83 20.50 12.53 7.68
CA GLY B 83 21.52 13.60 7.70
C GLY B 83 22.43 13.55 6.50
N GLY B 84 22.86 12.35 6.15
CA GLY B 84 23.67 12.14 4.96
C GLY B 84 24.26 10.75 4.98
N VAL B 85 25.17 10.54 4.04
CA VAL B 85 25.79 9.23 3.84
C VAL B 85 26.83 8.99 4.95
N VAL B 86 26.60 7.95 5.74
CA VAL B 86 27.50 7.53 6.83
C VAL B 86 28.58 6.63 6.23
N PRO B 87 29.87 6.89 6.56
CA PRO B 87 30.97 6.13 5.96
C PRO B 87 31.34 4.83 6.70
N GLY B 88 30.50 3.84 6.52
CA GLY B 88 30.72 2.49 7.07
C GLY B 88 29.39 1.84 7.31
N SER B 89 28.65 1.62 6.22
CA SER B 89 27.40 0.94 6.35
C SER B 89 26.95 0.47 5.01
N LEU B 90 25.89 -0.29 5.10
CA LEU B 90 25.32 -0.88 3.98
C LEU B 90 23.92 -0.32 3.86
N VAL B 91 23.70 0.33 2.72
CA VAL B 91 22.36 0.89 2.43
C VAL B 91 21.77 0.12 1.26
N LEU B 92 20.57 -0.44 1.44
CA LEU B 92 19.86 -1.17 0.41
C LEU B 92 18.72 -0.32 -0.15
N ILE B 93 18.71 -0.10 -1.47
CA ILE B 93 17.59 0.55 -2.17
C ILE B 93 16.77 -0.52 -2.91
N GLY B 94 15.51 -0.64 -2.48
CA GLY B 94 14.56 -1.57 -3.03
C GLY B 94 13.53 -0.87 -3.87
N GLY B 95 12.91 -1.62 -4.75
CA GLY B 95 11.81 -1.12 -5.55
C GLY B 95 11.60 -1.99 -6.78
N ASP B 96 10.52 -1.70 -7.50
CA ASP B 96 10.18 -2.38 -8.76
C ASP B 96 11.13 -1.98 -9.89
N PRO B 97 11.39 -2.88 -10.85
CA PRO B 97 12.18 -2.43 -12.00
C PRO B 97 11.50 -1.32 -12.82
N GLY B 98 12.30 -0.33 -13.21
CA GLY B 98 11.85 0.82 -14.01
C GLY B 98 11.65 2.13 -13.26
N ILE B 99 11.62 2.03 -11.95
CA ILE B 99 11.29 3.11 -11.05
C ILE B 99 12.37 4.21 -10.99
N GLY B 100 13.64 3.83 -11.06
CA GLY B 100 14.77 4.78 -11.09
C GLY B 100 15.81 4.67 -9.98
N LYS B 101 16.11 3.44 -9.54
CA LYS B 101 17.11 3.20 -8.48
C LYS B 101 18.56 3.43 -9.05
N SER B 102 18.83 2.92 -10.25
CA SER B 102 20.05 3.26 -11.01
C SER B 102 20.17 4.77 -11.27
N THR B 103 19.07 5.39 -11.72
CA THR B 103 19.01 6.85 -11.98
C THR B 103 19.26 7.67 -10.70
N LEU B 104 18.66 7.27 -9.59
CA LEU B 104 18.91 7.94 -8.31
C LEU B 104 20.35 7.72 -7.85
N LEU B 105 20.87 6.49 -7.99
CA LEU B 105 22.26 6.26 -7.56
C LEU B 105 23.31 6.93 -8.45
N LEU B 106 23.03 7.07 -9.74
CA LEU B 106 23.91 7.80 -10.64
C LEU B 106 23.95 9.28 -10.32
N GLN B 107 22.80 9.82 -9.94
CA GLN B 107 22.73 11.21 -9.51
C GLN B 107 23.43 11.44 -8.20
N VAL B 108 23.28 10.53 -7.24
CA VAL B 108 24.01 10.67 -5.95
C VAL B 108 25.50 10.48 -6.18
N SER B 109 25.86 9.52 -7.02
CA SER B 109 27.26 9.28 -7.30
C SER B 109 28.00 10.45 -7.98
N THR B 110 27.37 11.08 -8.96
CA THR B 110 27.99 12.25 -9.61
C THR B 110 28.13 13.45 -8.68
N GLN B 111 27.34 13.47 -7.62
CA GLN B 111 27.48 14.45 -6.57
C GLN B 111 28.55 14.06 -5.55
N LEU B 112 28.59 12.79 -5.17
CA LEU B 112 29.58 12.27 -4.22
C LEU B 112 30.94 12.12 -4.88
N LEU B 119 33.22 4.34 -6.61
CA LEU B 119 33.26 3.22 -7.56
C LEU B 119 31.87 2.62 -7.81
N TYR B 120 31.35 2.82 -9.02
CA TYR B 120 30.04 2.31 -9.46
C TYR B 120 30.28 0.99 -10.20
N VAL B 121 29.73 -0.09 -9.66
CA VAL B 121 29.87 -1.44 -10.21
C VAL B 121 28.51 -1.88 -10.73
N SER B 122 28.44 -2.17 -12.04
CA SER B 122 27.22 -2.63 -12.70
C SER B 122 27.51 -3.76 -13.68
N GLY B 123 26.79 -4.86 -13.48
CA GLY B 123 26.68 -5.93 -14.48
C GLY B 123 25.44 -5.77 -15.34
N GLU B 124 24.52 -4.89 -14.92
CA GLU B 124 23.18 -4.83 -15.49
C GLU B 124 23.24 -4.06 -16.81
N GLU B 125 23.93 -2.92 -16.78
CA GLU B 125 24.16 -2.10 -17.96
C GLU B 125 25.65 -2.02 -18.26
N SER B 126 25.96 -1.73 -19.52
CA SER B 126 27.35 -1.58 -19.97
C SER B 126 27.90 -0.22 -19.59
N ALA B 127 29.22 -0.11 -19.65
CA ALA B 127 29.94 1.15 -19.32
C ALA B 127 29.52 2.32 -20.22
N GLN B 128 29.40 2.05 -21.51
CA GLN B 128 29.06 3.09 -22.49
C GLN B 128 27.62 3.61 -22.35
N GLN B 129 26.73 2.72 -21.93
CA GLN B 129 25.31 3.05 -21.68
C GLN B 129 25.12 4.05 -20.53
N ILE B 130 25.86 3.81 -19.45
CA ILE B 130 25.86 4.63 -18.24
C ILE B 130 26.42 6.04 -18.52
N LYS B 131 27.46 6.15 -19.34
CA LYS B 131 28.02 7.46 -19.71
C LYS B 131 27.00 8.36 -20.39
N LEU B 132 26.20 7.79 -21.30
CA LEU B 132 25.11 8.53 -21.95
C LEU B 132 24.05 9.00 -20.95
N ARG B 133 23.75 8.17 -19.96
CA ARG B 133 22.75 8.51 -18.93
C ARG B 133 23.26 9.58 -17.99
N ALA B 134 24.42 9.31 -17.41
CA ALA B 134 25.02 10.15 -16.39
C ALA B 134 25.44 11.56 -16.83
N GLU B 135 25.60 11.83 -18.13
CA GLU B 135 25.93 13.21 -18.52
C GLU B 135 24.73 14.16 -18.41
N ARG B 136 23.54 13.67 -18.77
CA ARG B 136 22.26 14.40 -18.57
C ARG B 136 21.99 14.72 -17.10
N LEU B 137 22.38 13.79 -16.24
CA LEU B 137 22.13 13.85 -14.82
C LEU B 137 23.08 14.79 -14.09
N SER B 142 34.94 14.48 -12.66
CA SER B 142 35.38 14.25 -11.29
C SER B 142 35.73 12.77 -11.09
N GLU B 143 36.24 12.43 -9.90
CA GLU B 143 36.73 11.07 -9.59
C GLU B 143 35.59 10.07 -9.35
N PHE B 144 34.98 9.67 -10.46
CA PHE B 144 33.85 8.75 -10.48
C PHE B 144 34.33 7.60 -11.34
N TYR B 145 34.48 6.42 -10.73
CA TYR B 145 35.00 5.25 -11.42
C TYR B 145 33.89 4.27 -11.70
N LEU B 146 33.90 3.70 -12.91
CA LEU B 146 32.85 2.82 -13.39
C LEU B 146 33.39 1.43 -13.70
N ASN B 151 31.94 -10.27 -11.00
CA ASN B 151 31.95 -11.07 -9.77
C ASN B 151 32.83 -10.42 -8.68
N MET B 152 32.56 -10.80 -7.43
CA MET B 152 33.11 -10.15 -6.23
C MET B 152 34.64 -10.22 -6.03
N GLN B 153 35.27 -11.27 -6.56
CA GLN B 153 36.74 -11.46 -6.44
C GLN B 153 37.47 -10.40 -7.32
N SER B 154 36.95 -10.17 -8.54
CA SER B 154 37.50 -9.14 -9.45
C SER B 154 37.18 -7.70 -8.97
N VAL B 155 36.07 -7.54 -8.26
CA VAL B 155 35.68 -6.28 -7.61
C VAL B 155 36.58 -5.95 -6.40
N ARG B 156 36.71 -6.91 -5.46
CA ARG B 156 37.57 -6.75 -4.24
C ARG B 156 38.99 -6.19 -4.51
N ALA B 157 39.62 -6.70 -5.57
CA ALA B 157 40.94 -6.26 -6.03
C ALA B 157 40.97 -4.77 -6.39
N GLU B 158 39.85 -4.24 -6.93
CA GLU B 158 39.80 -2.83 -7.32
C GLU B 158 39.44 -1.92 -6.14
N VAL B 159 38.82 -2.49 -5.10
CA VAL B 159 38.48 -1.74 -3.88
C VAL B 159 39.75 -1.42 -3.09
N GLU B 160 40.65 -2.40 -2.97
CA GLU B 160 41.97 -2.16 -2.34
C GLU B 160 42.88 -1.19 -3.13
N ARG B 161 42.72 -1.17 -4.46
CA ARG B 161 43.60 -0.33 -5.30
C ARG B 161 43.24 1.14 -5.29
N ILE B 162 42.00 1.46 -5.64
CA ILE B 162 41.54 2.86 -5.76
C ILE B 162 41.20 3.43 -4.37
N GLN B 163 40.79 2.54 -3.45
CA GLN B 163 40.38 2.90 -2.08
C GLN B 163 39.21 3.91 -2.08
N PRO B 164 38.06 3.51 -2.64
CA PRO B 164 36.99 4.46 -2.88
C PRO B 164 36.12 4.66 -1.66
N ASP B 165 35.75 5.90 -1.39
CA ASP B 165 34.98 6.24 -0.18
C ASP B 165 33.54 5.73 -0.31
N PHE B 166 33.03 5.67 -1.55
CA PHE B 166 31.68 5.23 -1.81
C PHE B 166 31.67 4.14 -2.89
N LEU B 167 31.01 3.03 -2.56
CA LEU B 167 30.87 1.91 -3.49
C LEU B 167 29.40 1.65 -3.80
N ILE B 168 29.06 1.53 -5.09
CA ILE B 168 27.67 1.28 -5.49
C ILE B 168 27.62 -0.02 -6.28
N ILE B 169 26.77 -0.95 -5.84
CA ILE B 169 26.52 -2.18 -6.60
C ILE B 169 25.14 -2.08 -7.24
N ASP B 170 25.13 -1.86 -8.57
CA ASP B 170 23.94 -1.73 -9.35
C ASP B 170 23.52 -3.17 -9.65
N SER B 171 22.37 -3.52 -9.10
CA SER B 171 21.84 -4.87 -9.04
C SER B 171 22.72 -5.93 -8.34
N ILE B 172 22.40 -6.24 -7.07
CA ILE B 172 22.97 -7.41 -6.35
C ILE B 172 22.62 -8.77 -7.01
N GLN B 173 21.46 -8.85 -7.67
CA GLN B 173 21.03 -10.06 -8.39
C GLN B 173 22.00 -10.44 -9.51
N GLY B 185 22.12 -20.68 -9.23
CA GLY B 185 21.56 -20.06 -8.03
C GLY B 185 22.33 -18.85 -7.55
N SER B 186 22.26 -17.77 -8.33
CA SER B 186 22.65 -16.43 -7.83
C SER B 186 21.77 -15.92 -6.72
N VAL B 187 20.48 -16.22 -6.74
CA VAL B 187 19.55 -15.56 -5.80
C VAL B 187 19.79 -16.19 -4.38
N SER B 188 20.12 -17.48 -4.31
CA SER B 188 20.55 -18.13 -3.05
C SER B 188 21.89 -17.61 -2.52
N GLN B 189 22.83 -17.37 -3.44
CA GLN B 189 24.11 -16.66 -3.18
C GLN B 189 24.09 -15.13 -2.85
N VAL B 190 22.99 -14.46 -3.22
CA VAL B 190 22.74 -13.03 -2.95
C VAL B 190 22.85 -12.74 -1.44
N ARG B 191 22.28 -13.62 -0.61
CA ARG B 191 22.32 -13.50 0.86
C ARG B 191 23.75 -13.58 1.42
N GLU B 192 24.57 -14.43 0.78
CA GLU B 192 25.97 -14.68 1.17
C GLU B 192 26.89 -13.55 0.64
N VAL B 193 26.57 -12.98 -0.53
CA VAL B 193 27.32 -11.80 -1.03
C VAL B 193 27.15 -10.54 -0.14
N THR B 194 25.90 -10.23 0.25
CA THR B 194 25.60 -9.09 1.15
C THR B 194 26.18 -9.21 2.57
N ALA B 195 26.34 -10.44 3.06
CA ALA B 195 27.03 -10.70 4.33
C ALA B 195 28.53 -10.35 4.22
N GLU B 196 29.12 -10.70 3.07
CA GLU B 196 30.52 -10.36 2.76
C GLU B 196 30.72 -8.86 2.43
N LEU B 197 29.68 -8.21 1.90
CA LEU B 197 29.70 -6.74 1.70
C LEU B 197 29.65 -5.93 3.02
N MET B 198 28.94 -6.43 4.03
CA MET B 198 28.87 -5.73 5.32
C MET B 198 30.20 -5.81 6.07
N GLN B 199 30.88 -6.96 5.97
CA GLN B 199 32.26 -7.10 6.48
C GLN B 199 33.28 -6.28 5.65
N LEU B 200 33.01 -6.08 4.35
CA LEU B 200 33.84 -5.22 3.50
C LEU B 200 33.78 -3.73 3.87
N ALA B 201 32.63 -3.30 4.42
CA ALA B 201 32.42 -1.92 4.94
C ALA B 201 33.27 -1.61 6.16
N LYS B 202 33.70 -2.65 6.89
CA LYS B 202 34.55 -2.50 8.06
C LYS B 202 36.03 -2.58 7.70
N THR B 203 36.37 -3.44 6.73
CA THR B 203 37.78 -3.63 6.30
C THR B 203 38.40 -2.38 5.74
N ASN B 204 37.59 -1.69 4.94
CA ASN B 204 37.93 -0.43 4.36
C ASN B 204 36.71 0.38 4.74
N ASN B 205 36.87 1.37 5.61
CA ASN B 205 35.71 2.12 6.10
C ASN B 205 35.02 2.90 4.99
N ILE B 206 34.06 2.27 4.29
CA ILE B 206 33.40 2.88 3.12
C ILE B 206 31.90 2.72 3.17
N ALA B 207 31.20 3.67 2.55
CA ALA B 207 29.76 3.59 2.41
C ALA B 207 29.45 2.77 1.14
N ILE B 208 28.56 1.79 1.29
CA ILE B 208 28.19 0.90 0.18
C ILE B 208 26.68 0.86 -0.03
N PHE B 209 26.30 1.11 -1.29
CA PHE B 209 24.90 1.06 -1.72
C PHE B 209 24.62 -0.22 -2.53
N ILE B 210 23.53 -0.90 -2.17
CA ILE B 210 23.10 -2.17 -2.77
C ILE B 210 21.73 -1.95 -3.40
N VAL B 211 21.54 -2.49 -4.60
CA VAL B 211 20.26 -2.34 -5.31
C VAL B 211 19.50 -3.68 -5.31
N GLY B 212 18.22 -3.62 -4.91
CA GLY B 212 17.38 -4.82 -4.85
C GLY B 212 16.11 -4.67 -5.66
N HIS B 213 16.08 -5.30 -6.83
CA HIS B 213 14.89 -5.36 -7.69
C HIS B 213 13.81 -6.24 -7.10
N VAL B 233 17.66 0.43 5.04
CA VAL B 233 16.72 -0.06 4.04
C VAL B 233 15.81 1.06 3.53
N LEU B 234 15.95 1.34 2.23
CA LEU B 234 15.16 2.33 1.54
C LEU B 234 14.29 1.63 0.52
N TYR B 235 13.10 2.17 0.31
CA TYR B 235 12.19 1.67 -0.71
C TYR B 235 11.73 2.82 -1.60
N PHE B 236 11.92 2.63 -2.90
CA PHE B 236 11.57 3.62 -3.88
C PHE B 236 10.28 3.12 -4.55
N GLU B 237 9.14 3.78 -4.30
CA GLU B 237 7.81 3.31 -4.83
C GLU B 237 6.89 4.46 -5.27
N GLY B 238 6.01 4.21 -6.24
CA GLY B 238 5.03 5.17 -6.73
C GLY B 238 3.68 5.03 -6.04
N PHE B 244 3.58 11.50 -8.42
CA PHE B 244 4.92 11.56 -7.87
C PHE B 244 5.52 10.26 -7.21
N ARG B 245 6.85 10.25 -7.15
CA ARG B 245 7.68 9.15 -6.67
C ARG B 245 8.18 9.43 -5.27
N ILE B 246 8.17 8.42 -4.40
CA ILE B 246 8.62 8.55 -3.01
C ILE B 246 9.68 7.51 -2.57
N LEU B 247 10.67 8.03 -1.84
CA LEU B 247 11.75 7.26 -1.27
C LEU B 247 11.55 7.25 0.24
N ARG B 248 11.27 6.09 0.80
CA ARG B 248 11.08 5.98 2.25
C ARG B 248 12.01 4.99 2.94
N ALA B 249 12.37 5.34 4.17
CA ALA B 249 13.28 4.55 4.98
C ALA B 249 12.46 3.55 5.80
N VAL B 250 12.60 2.27 5.47
CA VAL B 250 11.90 1.21 6.19
C VAL B 250 12.64 0.86 7.50
N LYS B 251 13.97 0.72 7.44
CA LYS B 251 14.82 0.39 8.60
C LYS B 251 16.06 1.31 8.51
N ASN B 252 16.32 2.14 9.53
CA ASN B 252 17.45 3.06 9.51
C ASN B 252 18.19 2.99 10.84
N ARG B 253 19.48 2.62 10.78
CA ARG B 253 20.34 2.54 11.96
C ARG B 253 20.97 3.86 12.35
N PHE B 254 20.97 4.81 11.42
CA PHE B 254 21.58 6.11 11.62
C PHE B 254 20.55 7.23 11.36
N GLY B 255 19.27 6.94 11.64
CA GLY B 255 18.19 7.92 11.47
C GLY B 255 16.78 7.40 11.74
N SER B 256 15.82 8.30 11.55
CA SER B 256 14.39 8.01 11.73
C SER B 256 13.79 7.28 10.52
N THR B 257 12.84 6.39 10.79
CA THR B 257 12.15 5.64 9.75
C THR B 257 10.92 6.38 9.18
N ASN B 258 10.39 7.36 9.92
CA ASN B 258 9.29 8.19 9.38
C ASN B 258 9.69 9.18 8.26
N GLU B 259 10.99 9.32 7.95
CA GLU B 259 11.47 10.23 6.90
C GLU B 259 11.19 9.74 5.46
N ILE B 260 10.87 10.71 4.61
CA ILE B 260 10.42 10.52 3.23
C ILE B 260 11.12 11.52 2.27
N GLY B 261 11.38 11.09 1.04
CA GLY B 261 11.95 11.96 0.01
C GLY B 261 11.11 11.88 -1.24
N ILE B 262 10.49 13.01 -1.63
CA ILE B 262 9.61 13.03 -2.80
C ILE B 262 10.40 13.50 -4.03
N PHE B 263 10.31 12.70 -5.11
CA PHE B 263 10.90 12.98 -6.43
C PHE B 263 9.86 12.82 -7.53
N GLU B 264 10.14 13.40 -8.68
CA GLU B 264 9.34 13.28 -9.87
C GLU B 264 10.31 12.97 -11.01
N MET B 265 10.13 11.84 -11.70
CA MET B 265 10.97 11.48 -12.86
C MET B 265 10.59 12.34 -14.05
N GLN B 266 11.56 13.09 -14.56
CA GLN B 266 11.37 13.93 -15.74
C GLN B 266 12.25 13.44 -16.92
N SER B 267 12.29 14.20 -18.01
CA SER B 267 13.11 13.86 -19.17
C SER B 267 14.62 13.74 -18.85
N GLY B 268 15.17 14.65 -18.04
CA GLY B 268 16.57 14.56 -17.59
C GLY B 268 16.87 13.39 -16.66
N GLY B 269 16.21 13.40 -15.51
CA GLY B 269 16.22 12.29 -14.55
C GLY B 269 15.26 12.61 -13.42
N LEU B 270 15.60 12.24 -12.19
CA LEU B 270 14.71 12.51 -11.04
C LEU B 270 14.88 13.94 -10.51
N VAL B 271 13.77 14.67 -10.46
CA VAL B 271 13.74 16.05 -9.97
C VAL B 271 13.09 16.02 -8.59
N GLU B 272 13.71 16.61 -7.57
CA GLU B 272 13.15 16.57 -6.19
C GLU B 272 11.90 17.46 -6.08
N VAL B 273 10.96 17.08 -5.21
CA VAL B 273 9.72 17.88 -5.00
C VAL B 273 9.65 18.53 -3.60
N LEU B 274 9.66 19.87 -3.56
CA LEU B 274 9.63 20.62 -2.28
C LEU B 274 8.26 20.92 -1.71
N ASN B 275 7.40 21.49 -2.55
CA ASN B 275 6.00 21.79 -2.21
C ASN B 275 5.04 20.86 -2.99
N PRO B 276 4.55 19.78 -2.37
CA PRO B 276 3.56 18.91 -3.02
C PRO B 276 2.12 19.46 -2.88
N SER B 277 1.89 20.51 -2.07
CA SER B 277 0.63 21.29 -2.05
C SER B 277 0.28 21.87 -3.44
N GLN B 278 1.31 22.23 -4.22
CA GLN B 278 1.12 22.84 -5.54
C GLN B 278 0.59 21.87 -6.59
N VAL B 279 0.71 20.56 -6.36
CA VAL B 279 0.05 19.54 -7.22
C VAL B 279 -1.50 19.63 -7.18
N PHE B 280 -2.08 19.73 -5.98
CA PHE B 280 -3.54 19.96 -5.82
C PHE B 280 -4.01 21.38 -6.24
N LEU B 281 -3.14 22.38 -6.01
CA LEU B 281 -3.40 23.79 -6.33
C LEU B 281 -3.43 24.08 -7.83
N GLU B 282 -2.49 23.49 -8.58
CA GLU B 282 -2.54 23.53 -10.07
C GLU B 282 -3.80 22.83 -10.54
N GLU B 283 -4.10 21.69 -9.93
CA GLU B 283 -5.30 20.91 -10.30
C GLU B 283 -6.61 21.60 -9.94
N ARG B 284 -6.58 22.54 -8.97
CA ARG B 284 -7.79 23.29 -8.64
C ARG B 284 -8.14 24.35 -9.69
N LEU B 285 -9.37 24.29 -10.19
CA LEU B 285 -9.84 25.23 -11.19
C LEU B 285 -10.21 26.54 -10.54
N ASP B 286 -10.78 27.47 -11.31
CA ASP B 286 -11.15 28.79 -10.82
C ASP B 286 -12.42 28.64 -9.98
N GLY B 287 -12.21 28.63 -8.65
CA GLY B 287 -13.26 28.45 -7.65
C GLY B 287 -14.20 27.25 -7.82
N ALA B 288 -13.62 26.07 -7.94
CA ALA B 288 -14.33 24.83 -8.24
C ALA B 288 -14.90 24.25 -6.99
N THR B 289 -16.20 23.99 -6.98
CA THR B 289 -16.91 23.53 -5.79
C THR B 289 -17.07 21.98 -5.69
N GLY B 290 -17.17 21.51 -4.45
CA GLY B 290 -17.37 20.12 -4.21
C GLY B 290 -16.11 19.29 -4.11
N SER B 291 -14.97 19.96 -4.06
CA SER B 291 -13.69 19.32 -3.85
C SER B 291 -13.32 19.56 -2.40
N SER B 292 -12.82 18.52 -1.70
CA SER B 292 -12.18 18.71 -0.36
C SER B 292 -10.97 17.76 -0.14
N ILE B 293 -10.11 18.02 0.87
CA ILE B 293 -8.86 17.22 1.11
C ILE B 293 -8.83 16.53 2.49
N VAL B 294 -8.42 15.26 2.50
CA VAL B 294 -8.35 14.49 3.72
C VAL B 294 -6.94 13.97 3.89
N VAL B 295 -6.46 13.87 5.13
CA VAL B 295 -5.16 13.24 5.43
C VAL B 295 -5.54 11.90 5.98
N THR B 296 -5.53 10.92 5.07
CA THR B 296 -5.90 9.53 5.40
C THR B 296 -4.62 8.73 5.63
N MET B 297 -4.74 7.42 5.85
CA MET B 297 -3.63 6.54 6.18
C MET B 297 -3.72 5.26 5.40
N GLU B 298 -2.60 4.85 4.81
CA GLU B 298 -2.46 3.54 4.15
C GLU B 298 -1.53 2.68 5.04
N GLY B 299 -2.14 2.13 6.09
CA GLY B 299 -1.42 1.49 7.17
C GLY B 299 -0.88 2.60 8.06
N THR B 300 0.43 2.81 7.99
CA THR B 300 1.10 3.86 8.73
C THR B 300 1.49 5.06 7.89
N ARG B 301 1.62 4.86 6.57
CA ARG B 301 1.92 5.95 5.63
C ARG B 301 0.74 6.88 5.62
N PRO B 302 0.92 8.17 5.98
CA PRO B 302 -0.17 9.12 5.77
C PRO B 302 -0.24 9.59 4.33
N ILE B 303 -1.30 9.18 3.65
CA ILE B 303 -1.59 9.56 2.30
C ILE B 303 -2.50 10.79 2.42
N LEU B 304 -2.35 11.71 1.49
CA LEU B 304 -3.17 12.90 1.45
C LEU B 304 -4.08 12.79 0.21
N ALA B 305 -5.40 12.89 0.35
CA ALA B 305 -6.31 12.56 -0.79
C ALA B 305 -7.44 13.55 -1.00
N GLU B 306 -7.94 13.61 -2.23
CA GLU B 306 -9.01 14.53 -2.61
C GLU B 306 -10.35 13.80 -2.82
N VAL B 307 -11.36 14.31 -2.12
CA VAL B 307 -12.69 13.83 -2.21
C VAL B 307 -13.46 14.79 -3.06
N GLN B 308 -14.28 14.26 -3.94
CA GLN B 308 -15.03 15.06 -4.91
C GLN B 308 -16.53 14.70 -4.82
N ALA B 309 -17.38 15.72 -4.94
CA ALA B 309 -18.81 15.58 -4.85
C ALA B 309 -19.49 16.44 -5.93
N LEU B 310 -20.55 15.90 -6.50
CA LEU B 310 -21.44 16.60 -7.43
C LEU B 310 -22.85 16.37 -6.93
N VAL B 311 -23.37 17.39 -6.24
CA VAL B 311 -24.73 17.35 -5.76
C VAL B 311 -25.51 18.15 -6.77
N THR B 312 -26.61 17.59 -7.27
CA THR B 312 -27.42 18.28 -8.26
C THR B 312 -28.87 17.81 -8.11
N PRO B 313 -29.86 18.70 -8.34
CA PRO B 313 -31.22 18.29 -8.07
C PRO B 313 -31.64 17.17 -8.95
N THR B 314 -32.44 16.24 -8.37
CA THR B 314 -33.00 15.11 -9.10
C THR B 314 -34.01 15.65 -10.08
N MET B 315 -34.10 15.08 -11.27
CA MET B 315 -35.16 15.48 -12.19
C MET B 315 -36.32 14.53 -12.15
N PHE B 316 -36.03 13.23 -12.01
CA PHE B 316 -37.10 12.25 -12.06
C PHE B 316 -37.01 11.24 -10.98
N GLY B 317 -38.16 11.10 -10.30
CA GLY B 317 -38.51 9.96 -9.45
C GLY B 317 -37.51 9.79 -8.36
N ASN B 318 -36.65 8.77 -8.41
CA ASN B 318 -35.72 8.55 -7.31
C ASN B 318 -34.38 9.29 -7.43
N ALA B 319 -33.94 9.79 -6.28
CA ALA B 319 -32.68 10.50 -6.17
C ALA B 319 -31.57 9.48 -6.23
N LYS B 320 -30.57 9.80 -7.07
CA LYS B 320 -29.45 8.93 -7.35
C LYS B 320 -28.33 9.14 -6.33
N ARG B 321 -27.67 8.06 -5.98
CA ARG B 321 -26.45 8.15 -5.21
C ARG B 321 -25.36 7.24 -5.79
N THR B 322 -24.21 7.81 -6.16
CA THR B 322 -23.18 7.02 -6.79
C THR B 322 -21.81 7.38 -6.31
N THR B 323 -21.07 6.41 -5.79
CA THR B 323 -19.73 6.65 -5.28
C THR B 323 -18.67 5.87 -6.06
N THR B 324 -17.44 6.40 -6.11
CA THR B 324 -16.30 5.68 -6.66
C THR B 324 -15.14 5.96 -5.77
N GLY B 325 -14.69 4.93 -5.07
CA GLY B 325 -13.57 5.06 -4.13
C GLY B 325 -13.96 5.22 -2.69
N LEU B 326 -15.21 5.60 -2.41
CA LEU B 326 -15.73 5.67 -1.03
C LEU B 326 -16.78 4.61 -0.88
N ASP B 327 -16.94 4.09 0.33
CA ASP B 327 -18.04 3.15 0.61
C ASP B 327 -19.39 3.84 0.47
N PHE B 328 -20.27 3.23 -0.29
CA PHE B 328 -21.57 3.84 -0.63
C PHE B 328 -22.42 4.15 0.60
N ASN B 329 -22.58 3.13 1.45
CA ASN B 329 -23.28 3.24 2.71
C ASN B 329 -22.69 4.25 3.66
N ARG B 330 -21.38 4.38 3.71
CA ARG B 330 -20.78 5.41 4.51
C ARG B 330 -21.30 6.76 3.99
N ALA B 331 -21.31 6.93 2.68
CA ALA B 331 -21.77 8.20 2.13
C ALA B 331 -23.22 8.44 2.41
N SER B 332 -24.02 7.38 2.26
CA SER B 332 -25.45 7.45 2.57
C SER B 332 -25.77 7.98 3.96
N LEU B 333 -25.10 7.42 4.97
CA LEU B 333 -25.16 7.94 6.36
C LEU B 333 -24.69 9.38 6.49
N ILE B 334 -23.59 9.75 5.86
CA ILE B 334 -23.14 11.12 5.93
C ILE B 334 -24.21 12.11 5.49
N MET B 335 -24.92 11.73 4.43
CA MET B 335 -25.94 12.62 3.88
C MET B 335 -27.14 12.73 4.85
N ALA B 336 -27.47 11.62 5.51
CA ALA B 336 -28.53 11.63 6.49
C ALA B 336 -28.14 12.54 7.64
N VAL B 337 -26.92 12.44 8.10
CA VAL B 337 -26.44 13.35 9.13
C VAL B 337 -26.40 14.80 8.66
N LEU B 338 -25.93 15.10 7.44
CA LEU B 338 -26.03 16.49 6.91
C LEU B 338 -27.46 17.02 6.78
N GLU B 339 -28.39 16.17 6.38
CA GLU B 339 -29.78 16.61 6.31
C GLU B 339 -30.39 16.77 7.72
N LYS B 340 -30.21 15.79 8.60
CA LYS B 340 -30.84 15.83 9.94
C LYS B 340 -30.12 16.74 10.93
N ARG B 341 -28.82 16.90 10.85
CA ARG B 341 -28.09 17.74 11.79
C ARG B 341 -27.72 19.08 11.22
N ALA B 342 -27.16 19.11 10.03
CA ALA B 342 -26.70 20.37 9.43
C ALA B 342 -27.82 21.12 8.75
N GLY B 343 -28.86 20.40 8.37
CA GLY B 343 -30.01 21.05 7.77
C GLY B 343 -29.95 21.23 6.26
N LEU B 344 -29.19 20.41 5.55
CA LEU B 344 -29.15 20.50 4.12
C LEU B 344 -30.30 19.68 3.55
N LEU B 345 -31.16 20.27 2.74
CA LEU B 345 -32.21 19.51 2.02
C LEU B 345 -31.68 18.68 0.87
N LEU B 346 -31.16 17.51 1.19
CA LEU B 346 -30.57 16.60 0.22
C LEU B 346 -31.53 15.49 -0.24
N GLN B 347 -32.75 15.47 0.28
CA GLN B 347 -33.74 14.42 -0.03
C GLN B 347 -33.94 14.28 -1.54
N ASN B 348 -34.16 15.41 -2.21
CA ASN B 348 -34.42 15.53 -3.65
C ASN B 348 -33.18 15.88 -4.52
N GLN B 349 -32.00 15.65 -3.96
CA GLN B 349 -30.76 15.90 -4.66
C GLN B 349 -30.06 14.57 -4.98
N ASP B 350 -29.68 14.40 -6.24
CA ASP B 350 -28.70 13.41 -6.70
C ASP B 350 -27.31 13.68 -6.14
N ALA B 351 -26.54 12.62 -5.87
CA ALA B 351 -25.17 12.79 -5.41
C ALA B 351 -24.21 11.82 -6.06
N TYR B 352 -23.17 12.37 -6.66
CA TYR B 352 -22.11 11.60 -7.25
C TYR B 352 -20.88 11.95 -6.41
N LEU B 353 -20.18 10.94 -5.92
CA LEU B 353 -18.97 11.09 -5.11
C LEU B 353 -17.80 10.29 -5.67
N LYS B 354 -16.62 10.86 -5.59
CA LYS B 354 -15.44 10.26 -6.21
C LYS B 354 -14.23 10.53 -5.32
N SER B 355 -13.37 9.54 -5.23
CA SER B 355 -12.10 9.69 -4.60
C SER B 355 -11.19 9.91 -5.75
N ALA B 356 -10.60 11.10 -5.80
CA ALA B 356 -9.67 11.42 -6.90
C ALA B 356 -8.40 10.58 -6.81
N GLY B 357 -7.97 10.08 -7.96
CA GLY B 357 -6.82 9.20 -8.03
C GLY B 357 -7.14 7.72 -8.07
N GLY B 358 -8.32 7.33 -7.67
CA GLY B 358 -8.60 5.91 -7.48
C GLY B 358 -8.03 5.39 -6.18
N VAL B 359 -7.85 6.29 -5.22
CA VAL B 359 -7.50 5.95 -3.87
C VAL B 359 -8.80 5.33 -3.30
N LYS B 360 -8.68 4.17 -2.66
CA LYS B 360 -9.77 3.60 -1.86
C LYS B 360 -9.77 4.39 -0.52
N LEU B 361 -10.92 4.92 -0.09
CA LEU B 361 -10.99 5.64 1.19
C LEU B 361 -11.89 4.91 2.16
N ASP B 362 -11.28 4.01 2.93
CA ASP B 362 -12.04 3.11 3.79
C ASP B 362 -11.60 3.20 5.24
N GLU B 363 -11.77 4.37 5.82
CA GLU B 363 -11.27 4.72 7.13
C GLU B 363 -12.22 5.74 7.72
N PRO B 364 -12.50 5.67 9.05
CA PRO B 364 -13.47 6.60 9.60
C PRO B 364 -13.10 8.04 9.49
N ALA B 365 -11.83 8.34 9.55
CA ALA B 365 -11.36 9.71 9.39
C ALA B 365 -11.77 10.48 8.13
N ILE B 366 -12.08 9.77 7.06
CA ILE B 366 -12.52 10.46 5.82
C ILE B 366 -13.93 11.12 5.85
N ASP B 367 -14.75 10.80 6.86
CA ASP B 367 -16.14 11.24 6.95
C ASP B 367 -16.27 12.76 6.81
N LEU B 368 -15.44 13.50 7.55
CA LEU B 368 -15.59 14.97 7.58
C LEU B 368 -15.31 15.60 6.23
N ALA B 369 -14.24 15.13 5.59
CA ALA B 369 -13.92 15.62 4.25
C ALA B 369 -15.04 15.39 3.23
N VAL B 370 -15.64 14.21 3.26
CA VAL B 370 -16.80 13.87 2.42
C VAL B 370 -17.98 14.74 2.76
N ALA B 371 -18.26 14.90 4.05
CA ALA B 371 -19.34 15.84 4.42
C ALA B 371 -19.09 17.24 3.89
N VAL B 372 -17.86 17.72 4.03
CA VAL B 372 -17.54 19.08 3.57
C VAL B 372 -17.62 19.18 2.05
N ALA B 373 -17.14 18.15 1.36
CA ALA B 373 -17.24 18.08 -0.11
C ALA B 373 -18.69 18.22 -0.59
N ILE B 374 -19.56 17.39 -0.04
CA ILE B 374 -20.98 17.40 -0.39
C ILE B 374 -21.57 18.76 -0.13
N ALA B 375 -21.39 19.26 1.09
CA ALA B 375 -21.89 20.59 1.45
C ALA B 375 -21.37 21.65 0.52
N SER B 376 -20.10 21.58 0.16
CA SER B 376 -19.52 22.57 -0.77
C SER B 376 -20.24 22.56 -2.12
N SER B 377 -20.59 21.38 -2.61
CA SER B 377 -21.26 21.25 -3.92
C SER B 377 -22.69 21.68 -3.80
N TYR B 378 -23.33 21.28 -2.70
CA TYR B 378 -24.72 21.66 -2.43
C TYR B 378 -24.87 23.16 -2.34
N LYS B 379 -23.96 23.75 -1.58
CA LYS B 379 -23.97 25.17 -1.30
C LYS B 379 -23.46 25.97 -2.44
N ASP B 380 -22.75 25.34 -3.36
CA ASP B 380 -22.00 26.04 -4.41
C ASP B 380 -21.02 27.16 -3.89
N LYS B 381 -20.27 26.80 -2.87
CA LYS B 381 -19.31 27.63 -2.21
C LYS B 381 -18.06 26.75 -2.17
N PRO B 382 -16.91 27.23 -2.67
CA PRO B 382 -15.71 26.39 -2.65
C PRO B 382 -14.99 26.31 -1.30
N THR B 383 -14.18 25.27 -1.13
CA THR B 383 -13.28 25.17 0.03
C THR B 383 -11.93 25.73 -0.36
N ASN B 384 -11.10 26.00 0.64
CA ASN B 384 -9.69 26.40 0.39
C ASN B 384 -8.85 25.22 -0.02
N PRO B 385 -7.99 25.35 -1.04
CA PRO B 385 -7.19 24.17 -1.45
C PRO B 385 -6.01 23.86 -0.54
N GLN B 386 -5.67 24.76 0.40
CA GLN B 386 -4.62 24.50 1.38
C GLN B 386 -5.18 24.21 2.75
N GLU B 387 -6.48 23.93 2.83
CA GLU B 387 -7.07 23.50 4.08
C GLU B 387 -7.49 22.04 3.90
N CYS B 388 -7.33 21.26 4.97
CA CYS B 388 -7.76 19.89 4.92
C CYS B 388 -8.53 19.50 6.17
N PHE B 389 -9.19 18.33 6.09
CA PHE B 389 -10.12 17.94 7.12
C PHE B 389 -9.92 16.48 7.53
N VAL B 390 -9.95 16.23 8.84
CA VAL B 390 -9.76 14.89 9.43
C VAL B 390 -10.80 14.71 10.53
N GLY B 391 -11.56 13.63 10.49
CA GLY B 391 -12.58 13.37 11.51
C GLY B 391 -13.67 12.38 11.13
N GLU B 392 -13.97 11.45 12.04
CA GLU B 392 -15.13 10.56 11.93
C GLU B 392 -16.32 11.37 12.32
N LEU B 393 -17.44 11.15 11.66
CA LEU B 393 -18.61 11.95 11.91
C LEU B 393 -19.61 11.01 12.55
N GLY B 394 -20.07 11.34 13.74
CA GLY B 394 -21.10 10.52 14.39
C GLY B 394 -22.49 10.87 13.90
N LEU B 395 -23.44 9.97 14.10
CA LEU B 395 -24.80 10.21 13.66
C LEU B 395 -25.53 11.35 14.41
N THR B 396 -24.96 11.85 15.50
CA THR B 396 -25.50 13.00 16.21
C THR B 396 -24.93 14.30 15.67
N GLY B 397 -24.12 14.24 14.61
CA GLY B 397 -23.43 15.44 14.10
C GLY B 397 -22.06 15.67 14.68
N GLU B 398 -21.75 15.02 15.81
CA GLU B 398 -20.43 15.09 16.44
C GLU B 398 -19.24 14.73 15.51
N ILE B 399 -18.08 15.33 15.76
CA ILE B 399 -16.88 15.00 15.04
C ILE B 399 -16.04 14.23 16.04
N ARG B 400 -16.02 12.91 15.90
CA ARG B 400 -15.31 11.99 16.81
C ARG B 400 -13.81 11.94 16.56
N ARG B 401 -13.11 11.46 17.58
CA ARG B 401 -11.67 11.25 17.53
C ARG B 401 -11.17 10.33 16.42
N VAL B 402 -9.91 10.50 16.02
CA VAL B 402 -9.25 9.58 15.10
C VAL B 402 -7.83 9.21 15.54
N ASN B 403 -7.41 8.02 15.12
CA ASN B 403 -6.05 7.55 15.35
C ASN B 403 -5.00 8.31 14.58
N ARG B 404 -3.78 8.33 15.13
CA ARG B 404 -2.60 8.92 14.49
C ARG B 404 -2.80 10.38 14.13
N ILE B 405 -3.37 11.18 15.02
CA ILE B 405 -3.63 12.60 14.69
C ILE B 405 -2.36 13.42 14.53
N GLU B 406 -1.35 13.10 15.35
CA GLU B 406 -0.10 13.87 15.33
C GLU B 406 0.61 13.68 14.01
N GLN B 407 0.62 12.44 13.51
CA GLN B 407 1.19 12.16 12.18
C GLN B 407 0.48 12.85 11.06
N ARG B 408 -0.84 12.94 11.16
CA ARG B 408 -1.64 13.54 10.09
C ARG B 408 -1.40 15.04 10.01
N ILE B 409 -1.34 15.69 11.17
CA ILE B 409 -1.10 17.12 11.22
C ILE B 409 0.30 17.41 10.70
N ASN B 410 1.28 16.58 11.11
CA ASN B 410 2.65 16.70 10.62
C ASN B 410 2.71 16.62 9.12
N GLU B 411 2.11 15.58 8.57
CA GLU B 411 2.13 15.38 7.13
C GLU B 411 1.44 16.51 6.37
N ALA B 412 0.34 17.05 6.88
CA ALA B 412 -0.34 18.15 6.22
C ALA B 412 0.53 19.38 6.15
N ALA B 413 1.16 19.72 7.27
CA ALA B 413 2.05 20.89 7.36
C ALA B 413 3.21 20.85 6.38
N LYS B 414 3.83 19.67 6.29
CA LYS B 414 4.99 19.40 5.42
C LYS B 414 4.66 19.56 3.95
N LEU B 415 3.43 19.23 3.59
CA LEU B 415 3.00 19.34 2.21
C LEU B 415 2.39 20.73 1.96
N GLY B 416 2.65 21.71 2.84
CA GLY B 416 2.28 23.09 2.55
C GLY B 416 0.82 23.46 2.75
N PHE B 417 0.23 22.89 3.78
CA PHE B 417 -1.16 23.21 4.08
C PHE B 417 -1.15 24.24 5.16
N THR B 418 -2.16 25.08 5.15
CA THR B 418 -2.24 26.20 6.06
C THR B 418 -3.23 26.00 7.20
N LYS B 419 -4.31 25.26 6.97
CA LYS B 419 -5.28 24.93 8.01
C LYS B 419 -5.50 23.44 8.05
N ILE B 420 -5.87 22.93 9.20
CA ILE B 420 -6.35 21.57 9.26
C ILE B 420 -7.44 21.44 10.33
N TYR B 421 -8.61 20.99 9.89
CA TYR B 421 -9.71 20.80 10.83
C TYR B 421 -9.64 19.37 11.38
N VAL B 422 -9.50 19.30 12.70
CA VAL B 422 -9.32 18.03 13.38
C VAL B 422 -10.38 17.89 14.47
N PRO B 423 -10.56 16.68 15.01
CA PRO B 423 -11.49 16.61 16.11
C PRO B 423 -10.89 17.23 17.37
N LYS B 424 -11.70 18.01 18.07
CA LYS B 424 -11.21 18.76 19.20
C LYS B 424 -10.68 17.88 20.33
N ASN B 425 -11.31 16.73 20.56
CA ASN B 425 -10.87 15.82 21.61
C ASN B 425 -9.51 15.20 21.35
N SER B 426 -9.14 15.07 20.08
CA SER B 426 -7.88 14.42 19.70
C SER B 426 -6.62 15.20 20.15
N LEU B 427 -6.78 16.49 20.46
CA LEU B 427 -5.65 17.37 20.72
C LEU B 427 -5.05 17.33 22.12
N THR B 428 -5.58 16.51 23.02
CA THR B 428 -5.18 16.62 24.42
C THR B 428 -3.68 16.32 24.57
N GLY B 429 -2.94 17.34 24.93
CA GLY B 429 -1.50 17.21 25.15
C GLY B 429 -0.69 16.75 23.95
N ILE B 430 -0.92 17.40 22.82
CA ILE B 430 -0.16 17.15 21.59
C ILE B 430 0.46 18.47 21.11
N THR B 431 1.76 18.45 20.79
CA THR B 431 2.45 19.68 20.34
C THR B 431 2.16 19.90 18.87
N LEU B 432 1.77 21.12 18.53
CA LEU B 432 1.30 21.44 17.19
C LEU B 432 2.40 22.20 16.46
N PRO B 433 2.65 21.87 15.18
CA PRO B 433 3.67 22.57 14.43
C PRO B 433 3.27 23.99 14.05
N LYS B 434 4.25 24.90 14.12
CA LYS B 434 4.00 26.32 13.95
C LYS B 434 3.60 26.70 12.55
N GLU B 435 3.73 25.79 11.59
CA GLU B 435 3.50 26.13 10.17
C GLU B 435 2.06 25.89 9.71
N ILE B 436 1.21 25.38 10.60
CA ILE B 436 -0.15 24.98 10.24
C ILE B 436 -1.15 25.28 11.36
N GLN B 437 -2.30 25.82 10.94
CA GLN B 437 -3.34 26.20 11.91
C GLN B 437 -4.23 25.01 12.17
N VAL B 438 -4.16 24.45 13.37
CA VAL B 438 -4.92 23.27 13.72
C VAL B 438 -6.20 23.81 14.34
N ILE B 439 -7.33 23.50 13.72
CA ILE B 439 -8.64 23.86 14.28
C ILE B 439 -9.39 22.63 14.76
N GLY B 440 -9.52 22.51 16.07
CA GLY B 440 -10.31 21.45 16.69
C GLY B 440 -11.79 21.77 16.59
N VAL B 441 -12.56 20.85 16.06
CA VAL B 441 -14.00 21.05 15.95
C VAL B 441 -14.71 19.97 16.71
N THR B 442 -15.98 20.20 17.04
CA THR B 442 -16.80 19.24 17.81
C THR B 442 -18.06 18.79 17.11
N THR B 443 -18.70 19.67 16.34
CA THR B 443 -19.86 19.31 15.52
C THR B 443 -19.75 19.68 14.05
N ILE B 444 -20.51 18.99 13.21
CA ILE B 444 -20.52 19.25 11.78
C ILE B 444 -21.05 20.67 11.47
N GLN B 445 -21.97 21.17 12.30
CA GLN B 445 -22.55 22.48 12.07
C GLN B 445 -21.48 23.54 12.25
N GLU B 446 -20.70 23.37 13.32
CA GLU B 446 -19.53 24.20 13.63
C GLU B 446 -18.55 24.27 12.47
N VAL B 447 -18.29 23.14 11.82
CA VAL B 447 -17.34 23.08 10.72
C VAL B 447 -17.89 23.83 9.54
N LEU B 448 -19.11 23.51 9.11
CA LEU B 448 -19.68 24.17 7.93
C LEU B 448 -19.85 25.68 8.16
N LYS B 449 -20.19 26.07 9.39
CA LYS B 449 -20.15 27.49 9.71
C LYS B 449 -18.76 28.11 9.45
N LYS B 450 -17.69 27.39 9.84
CA LYS B 450 -16.34 27.94 9.75
C LYS B 450 -15.85 27.95 8.32
N VAL B 451 -16.18 26.90 7.59
CA VAL B 451 -15.73 26.72 6.24
C VAL B 451 -16.53 27.59 5.30
N PHE B 452 -17.86 27.64 5.41
CA PHE B 452 -18.62 28.53 4.54
C PHE B 452 -19.26 29.70 5.31
N ASN C 66 31.78 2.35 -30.72
CA ASN C 66 32.96 1.77 -31.42
C ASN C 66 32.65 0.29 -31.57
N VAL C 67 31.94 -0.05 -32.63
CA VAL C 67 31.27 -1.36 -32.74
C VAL C 67 30.90 -1.54 -34.19
N ASN C 68 30.93 -2.78 -34.70
CA ASN C 68 30.48 -3.03 -36.07
C ASN C 68 29.27 -4.00 -36.17
N ARG C 69 28.04 -3.49 -36.27
CA ARG C 69 26.84 -4.36 -36.28
C ARG C 69 26.43 -4.92 -37.63
N THR C 70 25.70 -6.04 -37.59
CA THR C 70 25.18 -6.66 -38.80
C THR C 70 23.68 -6.38 -38.96
N LYS C 71 23.31 -5.62 -39.99
CA LYS C 71 21.92 -5.33 -40.26
C LYS C 71 21.24 -6.42 -41.09
N THR C 72 19.93 -6.57 -40.90
CA THR C 72 19.06 -7.41 -41.70
C THR C 72 18.09 -6.54 -42.55
N GLU C 73 17.40 -7.15 -43.51
CA GLU C 73 16.52 -6.37 -44.46
C GLU C 73 15.22 -5.74 -43.81
N MET C 74 14.92 -6.41 -42.67
CA MET C 74 13.94 -6.03 -41.69
C MET C 74 14.44 -4.88 -40.84
N GLU C 75 14.10 -3.68 -41.31
CA GLU C 75 14.30 -2.41 -40.59
C GLU C 75 13.89 -2.42 -39.07
N GLU C 76 12.75 -3.03 -38.76
CA GLU C 76 12.21 -3.08 -37.44
C GLU C 76 13.06 -3.89 -36.49
N PHE C 77 13.39 -5.12 -36.88
CA PHE C 77 14.25 -5.99 -36.08
C PHE C 77 15.62 -5.37 -35.78
N ASN C 78 16.15 -4.59 -36.71
CA ASN C 78 17.39 -3.87 -36.47
C ASN C 78 17.29 -2.81 -35.39
N ARG C 79 16.20 -2.03 -35.40
CA ARG C 79 15.99 -0.95 -34.43
C ARG C 79 15.92 -1.46 -33.03
N VAL C 80 15.29 -2.62 -32.88
CA VAL C 80 15.10 -3.27 -31.60
C VAL C 80 16.42 -3.66 -30.97
N LEU C 81 17.30 -4.27 -31.76
CA LEU C 81 18.63 -4.63 -31.30
C LEU C 81 19.55 -3.41 -31.13
N GLY C 82 19.06 -2.23 -31.48
CA GLY C 82 19.83 -1.01 -31.38
C GLY C 82 20.82 -0.84 -32.52
N GLY C 83 20.38 -1.10 -33.75
CA GLY C 83 21.20 -0.86 -34.96
C GLY C 83 21.38 -2.12 -35.79
N GLY C 84 21.67 -3.21 -35.11
CA GLY C 84 21.76 -4.50 -35.76
C GLY C 84 22.36 -5.52 -34.82
N VAL C 85 22.69 -6.68 -35.38
CA VAL C 85 23.20 -7.79 -34.61
C VAL C 85 24.65 -7.54 -34.24
N VAL C 86 24.89 -7.49 -32.92
CA VAL C 86 26.23 -7.28 -32.37
C VAL C 86 26.90 -8.64 -32.26
N PRO C 87 28.15 -8.76 -32.74
CA PRO C 87 28.83 -10.06 -32.72
C PRO C 87 29.39 -10.34 -31.33
N GLY C 88 29.39 -11.61 -30.91
CA GLY C 88 29.87 -11.93 -29.61
C GLY C 88 28.87 -11.39 -28.58
N SER C 89 27.62 -11.81 -28.70
CA SER C 89 26.53 -11.31 -27.80
C SER C 89 25.44 -12.38 -27.63
N LEU C 90 24.67 -12.29 -26.53
CA LEU C 90 23.54 -13.20 -26.27
C LEU C 90 22.25 -12.45 -26.23
N VAL C 91 21.40 -12.86 -27.18
CA VAL C 91 20.10 -12.24 -27.32
C VAL C 91 19.07 -13.34 -27.03
N LEU C 92 18.18 -13.06 -26.07
CA LEU C 92 17.09 -13.94 -25.71
C LEU C 92 15.78 -13.42 -26.30
N ILE C 93 15.09 -14.25 -27.09
CA ILE C 93 13.74 -13.95 -27.57
C ILE C 93 12.74 -14.78 -26.78
N GLY C 94 11.88 -14.06 -26.06
CA GLY C 94 10.83 -14.64 -25.24
C GLY C 94 9.46 -14.47 -25.88
N GLY C 95 8.54 -15.31 -25.46
CA GLY C 95 7.14 -15.16 -25.84
C GLY C 95 6.38 -16.43 -25.58
N ASP C 96 5.08 -16.37 -25.83
CA ASP C 96 4.19 -17.55 -25.76
C ASP C 96 4.61 -18.50 -26.87
N PRO C 97 4.21 -19.79 -26.81
CA PRO C 97 4.33 -20.65 -27.99
C PRO C 97 3.25 -20.37 -29.06
N GLY C 98 3.70 -20.36 -30.32
CA GLY C 98 2.84 -20.12 -31.47
C GLY C 98 2.95 -18.73 -32.08
N ILE C 99 3.59 -17.79 -31.37
CA ILE C 99 3.70 -16.36 -31.85
C ILE C 99 4.58 -16.21 -33.02
N GLY C 100 5.65 -16.98 -33.11
CA GLY C 100 6.55 -16.96 -34.28
C GLY C 100 8.00 -16.63 -34.04
N LYS C 101 8.55 -17.13 -32.95
CA LYS C 101 9.97 -16.92 -32.64
C LYS C 101 10.90 -17.72 -33.59
N SER C 102 10.58 -19.00 -33.79
CA SER C 102 11.23 -19.84 -34.82
C SER C 102 11.10 -19.17 -36.21
N THR C 103 9.89 -18.71 -36.57
CA THR C 103 9.62 -18.08 -37.85
C THR C 103 10.43 -16.81 -37.98
N LEU C 104 10.52 -16.00 -36.91
CA LEU C 104 11.30 -14.76 -36.98
C LEU C 104 12.78 -15.08 -37.07
N LEU C 105 13.23 -16.07 -36.30
CA LEU C 105 14.66 -16.43 -36.38
C LEU C 105 15.08 -17.09 -37.70
N LEU C 106 14.18 -17.84 -38.32
CA LEU C 106 14.43 -18.41 -39.65
C LEU C 106 14.52 -17.35 -40.70
N GLN C 107 13.69 -16.34 -40.58
CA GLN C 107 13.77 -15.20 -41.47
C GLN C 107 15.03 -14.39 -41.28
N VAL C 108 15.44 -14.15 -40.02
CA VAL C 108 16.70 -13.40 -39.80
C VAL C 108 17.87 -14.23 -40.24
N SER C 109 17.83 -15.52 -39.96
CA SER C 109 18.91 -16.40 -40.37
C SER C 109 19.13 -16.49 -41.89
N THR C 110 18.06 -16.61 -42.67
CA THR C 110 18.19 -16.65 -44.13
C THR C 110 18.74 -15.34 -44.71
N GLN C 111 18.58 -14.26 -43.95
CA GLN C 111 19.15 -12.97 -44.33
C GLN C 111 20.60 -12.83 -43.88
N LEU C 112 20.90 -13.26 -42.67
CA LEU C 112 22.26 -13.23 -42.14
C LEU C 112 23.18 -14.25 -42.82
N SER C 113 22.63 -15.33 -43.37
CA SER C 113 23.46 -16.30 -44.09
C SER C 113 24.09 -15.67 -45.33
N GLN C 114 23.48 -14.59 -45.84
CA GLN C 114 24.00 -13.83 -46.99
C GLN C 114 25.30 -13.06 -46.73
N VAL C 115 25.61 -12.75 -45.47
CA VAL C 115 26.85 -12.02 -45.08
C VAL C 115 27.73 -12.79 -44.09
N GLY C 116 27.15 -13.62 -43.24
CA GLY C 116 27.95 -14.44 -42.35
C GLY C 116 27.63 -15.90 -42.55
N THR C 117 27.82 -16.67 -41.49
CA THR C 117 27.61 -18.10 -41.48
C THR C 117 26.78 -18.46 -40.26
N VAL C 118 25.65 -19.10 -40.57
CA VAL C 118 24.62 -19.31 -39.59
C VAL C 118 24.63 -20.77 -39.24
N LEU C 119 24.54 -21.06 -37.96
CA LEU C 119 24.25 -22.42 -37.51
C LEU C 119 22.98 -22.43 -36.67
N TYR C 120 21.91 -22.99 -37.24
CA TYR C 120 20.60 -23.07 -36.62
C TYR C 120 20.48 -24.43 -35.97
N VAL C 121 20.33 -24.43 -34.66
CA VAL C 121 20.26 -25.66 -33.87
C VAL C 121 18.86 -25.78 -33.28
N SER C 122 18.19 -26.89 -33.54
CA SER C 122 17.09 -27.27 -32.63
C SER C 122 16.52 -28.60 -32.80
N GLY C 123 16.11 -29.12 -31.65
CA GLY C 123 15.52 -30.44 -31.52
C GLY C 123 14.02 -30.39 -31.41
N GLU C 124 13.48 -29.18 -31.49
CA GLU C 124 12.06 -28.94 -31.34
C GLU C 124 11.37 -29.39 -32.62
N GLU C 125 11.95 -29.01 -33.76
CA GLU C 125 11.53 -29.49 -35.07
C GLU C 125 12.66 -30.21 -35.79
N SER C 126 12.27 -31.07 -36.72
CA SER C 126 13.25 -31.83 -37.51
C SER C 126 13.83 -31.01 -38.61
N ALA C 127 14.93 -31.50 -39.17
CA ALA C 127 15.62 -30.82 -40.28
C ALA C 127 14.74 -30.63 -41.51
N GLN C 128 14.02 -31.67 -41.86
CA GLN C 128 13.18 -31.69 -43.07
C GLN C 128 12.01 -30.71 -42.96
N GLN C 129 11.50 -30.56 -41.74
CA GLN C 129 10.37 -29.66 -41.41
C GLN C 129 10.71 -28.19 -41.65
N ILE C 130 11.91 -27.82 -41.18
CA ILE C 130 12.48 -26.47 -41.28
C ILE C 130 12.75 -26.08 -42.72
N LYS C 131 13.24 -27.01 -43.55
CA LYS C 131 13.44 -26.77 -44.98
C LYS C 131 12.14 -26.34 -45.72
N LEU C 132 11.04 -27.03 -45.42
CA LEU C 132 9.74 -26.66 -45.99
C LEU C 132 9.30 -25.25 -45.55
N ARG C 133 9.57 -24.91 -44.29
CA ARG C 133 9.20 -23.59 -43.77
C ARG C 133 10.05 -22.50 -44.38
N ALA C 134 11.36 -22.67 -44.26
CA ALA C 134 12.36 -21.67 -44.66
C ALA C 134 12.43 -21.39 -46.18
N GLU C 135 11.90 -22.23 -47.06
CA GLU C 135 11.87 -21.87 -48.49
C GLU C 135 10.82 -20.78 -48.82
N ARG C 136 9.65 -20.84 -48.19
CA ARG C 136 8.62 -19.77 -48.25
C ARG C 136 9.12 -18.41 -47.73
N LEU C 137 9.93 -18.46 -46.69
CA LEU C 137 10.41 -17.28 -45.97
C LEU C 137 11.56 -16.52 -46.68
N GLY C 138 12.57 -17.23 -47.18
CA GLY C 138 13.73 -16.59 -47.85
C GLY C 138 14.50 -17.48 -48.82
N ASP C 139 15.75 -17.11 -49.11
CA ASP C 139 16.62 -17.86 -50.05
C ASP C 139 17.62 -18.73 -49.28
N ILE C 140 17.84 -19.95 -49.77
CA ILE C 140 18.76 -20.87 -49.11
C ILE C 140 19.70 -21.49 -50.11
N ASP C 141 20.55 -20.65 -50.63
CA ASP C 141 21.68 -21.09 -51.40
C ASP C 141 22.99 -20.63 -50.74
N SER C 142 22.85 -20.13 -49.51
CA SER C 142 23.88 -19.40 -48.85
C SER C 142 24.29 -20.22 -47.67
N GLU C 143 25.30 -19.74 -46.96
CA GLU C 143 25.92 -20.49 -45.87
C GLU C 143 25.06 -20.51 -44.62
N PHE C 144 24.01 -21.34 -44.67
CA PHE C 144 23.04 -21.51 -43.59
C PHE C 144 23.08 -22.98 -43.26
N TYR C 145 23.54 -23.29 -42.05
CA TYR C 145 23.71 -24.66 -41.61
C TYR C 145 22.64 -25.01 -40.60
N LEU C 146 22.06 -26.20 -40.73
CA LEU C 146 20.98 -26.67 -39.88
C LEU C 146 21.40 -27.93 -39.10
N TYR C 147 21.12 -27.95 -37.80
CA TYR C 147 21.59 -29.05 -36.92
C TYR C 147 20.51 -29.37 -35.91
N ALA C 148 19.79 -30.46 -36.18
CA ALA C 148 18.68 -30.92 -35.33
C ALA C 148 19.17 -31.86 -34.23
N GLU C 149 19.94 -31.31 -33.30
CA GLU C 149 20.46 -32.02 -32.13
C GLU C 149 19.97 -31.30 -30.90
N THR C 150 20.29 -31.92 -29.77
CA THR C 150 19.80 -31.50 -28.46
C THR C 150 20.91 -31.23 -27.46
N ASN C 151 21.68 -32.26 -27.17
CA ASN C 151 22.66 -32.14 -26.12
C ASN C 151 23.76 -31.16 -26.60
N MET C 152 24.39 -30.45 -25.66
CA MET C 152 25.42 -29.39 -25.92
C MET C 152 26.78 -29.83 -26.48
N GLN C 153 27.31 -30.92 -25.93
CA GLN C 153 28.68 -31.31 -26.19
C GLN C 153 28.81 -31.63 -27.69
N SER C 154 27.76 -32.19 -28.25
CA SER C 154 27.68 -32.48 -29.68
C SER C 154 27.54 -31.19 -30.52
N VAL C 155 26.96 -30.14 -29.93
CA VAL C 155 26.89 -28.80 -30.56
C VAL C 155 28.26 -28.10 -30.56
N ARG C 156 28.90 -28.00 -29.39
CA ARG C 156 30.24 -27.35 -29.23
C ARG C 156 31.27 -27.79 -30.28
N ALA C 157 31.29 -29.09 -30.57
CA ALA C 157 32.17 -29.68 -31.59
C ALA C 157 31.92 -29.10 -32.97
N GLU C 158 30.66 -28.77 -33.28
CA GLU C 158 30.32 -28.22 -34.61
C GLU C 158 30.55 -26.71 -34.69
N VAL C 159 30.58 -26.05 -33.53
CA VAL C 159 30.88 -24.62 -33.46
C VAL C 159 32.35 -24.36 -33.77
N GLU C 160 33.24 -25.18 -33.20
CA GLU C 160 34.67 -25.10 -33.50
C GLU C 160 35.00 -25.46 -34.96
N ARG C 161 34.21 -26.35 -35.56
CA ARG C 161 34.48 -26.81 -36.92
C ARG C 161 34.11 -25.81 -38.01
N ILE C 162 32.84 -25.39 -38.03
CA ILE C 162 32.32 -24.50 -39.08
C ILE C 162 32.67 -23.05 -38.78
N GLN C 163 32.82 -22.73 -37.48
CA GLN C 163 33.16 -21.38 -37.00
C GLN C 163 32.13 -20.34 -37.45
N PRO C 164 30.87 -20.54 -37.02
CA PRO C 164 29.78 -19.74 -37.57
C PRO C 164 29.64 -18.41 -36.87
N ASP C 165 29.38 -17.36 -37.64
CA ASP C 165 29.30 -16.00 -37.09
C ASP C 165 28.02 -15.79 -36.26
N PHE C 166 26.98 -16.53 -36.63
CA PHE C 166 25.70 -16.46 -35.96
C PHE C 166 25.18 -17.87 -35.59
N LEU C 167 24.86 -18.02 -34.29
CA LEU C 167 24.35 -19.28 -33.76
C LEU C 167 22.94 -19.08 -33.20
N ILE C 168 22.01 -19.95 -33.60
CA ILE C 168 20.63 -19.84 -33.12
C ILE C 168 20.25 -21.12 -32.40
N ILE C 169 19.79 -21.02 -31.16
CA ILE C 169 19.27 -22.16 -30.43
C ILE C 169 17.75 -22.05 -30.34
N ASP C 170 17.03 -22.87 -31.13
CA ASP C 170 15.54 -22.76 -31.27
C ASP C 170 14.62 -23.07 -30.12
N SER C 171 15.13 -23.61 -29.04
CA SER C 171 14.36 -23.72 -27.79
C SER C 171 15.48 -24.08 -26.87
N ILE C 172 15.79 -23.19 -25.92
CA ILE C 172 16.69 -23.57 -24.82
C ILE C 172 16.13 -24.67 -23.88
N GLN C 173 14.79 -24.74 -23.75
CA GLN C 173 14.11 -25.81 -22.99
C GLN C 173 14.43 -27.21 -23.52
N THR C 174 14.65 -27.30 -24.84
CA THR C 174 15.01 -28.56 -25.52
C THR C 174 16.54 -28.78 -25.74
N ILE C 175 17.39 -28.45 -24.74
CA ILE C 175 18.84 -28.66 -24.77
C ILE C 175 19.37 -29.12 -23.41
N MET C 176 20.22 -30.17 -23.41
CA MET C 176 20.69 -30.83 -22.18
C MET C 176 22.22 -30.85 -22.01
N SER C 177 22.71 -30.69 -20.77
CA SER C 177 24.13 -30.81 -20.44
C SER C 177 24.19 -31.37 -18.99
N PRO C 178 24.94 -32.47 -18.72
CA PRO C 178 24.90 -33.02 -17.37
C PRO C 178 25.95 -32.40 -16.48
N SER C 186 15.62 -30.74 -18.13
CA SER C 186 15.90 -29.71 -19.12
C SER C 186 15.07 -28.36 -18.91
N VAL C 187 14.72 -28.00 -17.65
CA VAL C 187 14.42 -26.57 -17.26
C VAL C 187 15.36 -25.96 -16.18
N SER C 188 15.44 -26.54 -15.00
CA SER C 188 16.42 -26.07 -13.99
C SER C 188 17.83 -25.86 -14.60
N GLN C 189 18.39 -26.94 -15.11
CA GLN C 189 19.64 -26.93 -15.90
C GLN C 189 19.72 -25.82 -17.02
N VAL C 190 18.56 -25.35 -17.49
CA VAL C 190 18.48 -24.29 -18.52
C VAL C 190 19.36 -23.08 -18.12
N ARG C 191 19.38 -22.78 -16.82
CA ARG C 191 20.18 -21.66 -16.25
C ARG C 191 21.69 -21.87 -16.44
N GLU C 192 22.10 -23.13 -16.34
CA GLU C 192 23.50 -23.50 -16.47
C GLU C 192 23.94 -23.55 -17.92
N VAL C 193 23.03 -23.95 -18.80
CA VAL C 193 23.35 -23.97 -20.24
C VAL C 193 23.59 -22.53 -20.79
N THR C 194 22.70 -21.60 -20.44
CA THR C 194 22.83 -20.18 -20.84
C THR C 194 24.06 -19.46 -20.28
N ALA C 195 24.51 -19.89 -19.11
CA ALA C 195 25.77 -19.40 -18.54
C ALA C 195 26.98 -19.86 -19.40
N GLU C 196 26.92 -21.11 -19.85
CA GLU C 196 27.94 -21.70 -20.73
C GLU C 196 27.85 -21.15 -22.16
N LEU C 197 26.66 -20.74 -22.58
CA LEU C 197 26.48 -20.03 -23.87
C LEU C 197 27.05 -18.60 -23.90
N MET C 198 27.00 -17.88 -22.77
CA MET C 198 27.55 -16.53 -22.72
C MET C 198 29.08 -16.55 -22.74
N GLN C 199 29.70 -17.53 -22.06
CA GLN C 199 31.15 -17.76 -22.16
C GLN C 199 31.55 -18.27 -23.57
N LEU C 200 30.64 -18.98 -24.26
CA LEU C 200 30.86 -19.43 -25.65
C LEU C 200 30.90 -18.29 -26.67
N ALA C 201 30.18 -17.20 -26.36
CA ALA C 201 30.17 -15.96 -27.17
C ALA C 201 31.50 -15.20 -27.12
N LYS C 202 32.30 -15.41 -26.07
CA LYS C 202 33.64 -14.83 -25.93
C LYS C 202 34.74 -15.72 -26.53
N THR C 203 34.60 -17.05 -26.40
CA THR C 203 35.59 -17.99 -26.93
C THR C 203 35.75 -17.90 -28.45
N ASN C 204 34.61 -17.76 -29.14
CA ASN C 204 34.59 -17.68 -30.61
C ASN C 204 34.13 -16.32 -31.20
N ASN C 205 33.78 -15.34 -30.37
CA ASN C 205 33.18 -14.05 -30.82
C ASN C 205 32.09 -14.16 -31.88
N ILE C 206 30.94 -14.67 -31.43
CA ILE C 206 29.77 -14.91 -32.27
C ILE C 206 28.53 -14.37 -31.60
N ALA C 207 27.57 -14.01 -32.44
CA ALA C 207 26.27 -13.61 -31.97
C ALA C 207 25.44 -14.89 -31.79
N ILE C 208 24.80 -15.00 -30.63
CA ILE C 208 23.96 -16.16 -30.33
C ILE C 208 22.55 -15.76 -29.90
N PHE C 209 21.58 -16.37 -30.58
CA PHE C 209 20.18 -16.17 -30.25
C PHE C 209 19.61 -17.38 -29.48
N ILE C 210 18.92 -17.08 -28.38
CA ILE C 210 18.32 -18.06 -27.48
C ILE C 210 16.80 -17.86 -27.52
N VAL C 211 16.05 -18.96 -27.60
CA VAL C 211 14.59 -18.88 -27.60
C VAL C 211 14.03 -19.38 -26.25
N GLY C 212 13.13 -18.58 -25.68
CA GLY C 212 12.50 -18.90 -24.38
C GLY C 212 10.99 -18.87 -24.45
N HIS C 213 10.37 -20.05 -24.49
CA HIS C 213 8.92 -20.12 -24.48
C HIS C 213 8.38 -19.82 -23.08
N VAL C 214 7.34 -19.00 -23.01
CA VAL C 214 6.82 -18.47 -21.76
C VAL C 214 5.69 -19.42 -21.30
N THR C 215 5.87 -20.07 -20.14
CA THR C 215 4.94 -21.05 -19.61
C THR C 215 4.41 -20.62 -18.23
N PRO C 223 12.41 -18.55 -18.99
CA PRO C 223 12.42 -17.39 -19.92
C PRO C 223 12.58 -16.05 -19.19
N ARG C 224 11.81 -15.86 -18.11
CA ARG C 224 11.97 -14.70 -17.19
C ARG C 224 13.08 -14.90 -16.18
N MET C 225 13.61 -16.12 -16.15
CA MET C 225 14.67 -16.54 -15.25
C MET C 225 16.05 -16.12 -15.80
N LEU C 226 16.18 -16.13 -17.13
CA LEU C 226 17.44 -15.84 -17.83
C LEU C 226 17.64 -14.36 -18.16
N GLU C 227 16.60 -13.54 -17.95
CA GLU C 227 16.55 -12.12 -18.34
C GLU C 227 17.72 -11.24 -17.81
N HIS C 228 18.16 -11.53 -16.58
CA HIS C 228 19.25 -10.81 -15.90
C HIS C 228 20.69 -11.23 -16.33
N MET C 229 20.83 -12.39 -16.99
CA MET C 229 22.16 -12.98 -17.31
C MET C 229 22.49 -13.04 -18.82
N VAL C 230 21.75 -12.29 -19.64
CA VAL C 230 21.95 -12.23 -21.12
C VAL C 230 22.12 -10.77 -21.57
N ASP C 231 22.65 -10.55 -22.79
CA ASP C 231 23.00 -9.19 -23.21
C ASP C 231 21.76 -8.43 -23.66
N THR C 232 20.95 -9.09 -24.50
CA THR C 232 19.69 -8.45 -24.96
C THR C 232 18.49 -9.38 -24.69
N VAL C 233 17.40 -8.80 -24.21
CA VAL C 233 16.14 -9.46 -23.91
C VAL C 233 15.03 -8.84 -24.77
N LEU C 234 14.48 -9.67 -25.64
CA LEU C 234 13.39 -9.32 -26.51
C LEU C 234 12.18 -10.14 -26.12
N TYR C 235 11.01 -9.53 -26.26
CA TYR C 235 9.74 -10.19 -26.00
C TYR C 235 8.83 -10.03 -27.21
N PHE C 236 8.37 -11.15 -27.73
CA PHE C 236 7.50 -11.17 -28.90
C PHE C 236 6.08 -11.42 -28.35
N GLU C 237 5.25 -10.37 -28.41
CA GLU C 237 3.97 -10.29 -27.74
C GLU C 237 2.84 -10.00 -28.70
N GLY C 238 1.65 -10.52 -28.44
CA GLY C 238 0.50 -10.22 -29.31
C GLY C 238 -0.86 -10.48 -28.63
N GLU C 239 -1.48 -9.40 -28.15
CA GLU C 239 -2.80 -9.46 -27.48
C GLU C 239 -3.89 -9.98 -28.45
N ARG C 240 -4.94 -10.62 -27.94
CA ARG C 240 -5.97 -11.23 -28.80
C ARG C 240 -6.72 -10.30 -29.81
N HIS C 241 -6.87 -9.02 -29.45
CA HIS C 241 -7.61 -8.05 -30.27
C HIS C 241 -6.82 -7.47 -31.47
N HIS C 242 -5.53 -7.22 -31.29
CA HIS C 242 -4.68 -6.79 -32.39
C HIS C 242 -3.93 -7.93 -33.03
N THR C 243 -4.04 -8.06 -34.35
CA THR C 243 -3.26 -9.08 -35.11
C THR C 243 -1.78 -8.63 -35.39
N PHE C 244 -1.42 -7.41 -34.91
CA PHE C 244 -0.02 -7.00 -34.63
C PHE C 244 0.64 -8.04 -33.74
N ARG C 245 1.92 -8.24 -33.99
CA ARG C 245 2.79 -9.05 -33.18
C ARG C 245 4.00 -8.21 -32.91
N ILE C 246 4.10 -7.71 -31.71
CA ILE C 246 5.06 -6.68 -31.42
C ILE C 246 6.26 -7.30 -30.76
N LEU C 247 7.44 -6.84 -31.21
CA LEU C 247 8.72 -7.27 -30.69
C LEU C 247 9.31 -6.10 -29.93
N ARG C 248 9.41 -6.24 -28.60
CA ARG C 248 9.99 -5.17 -27.78
C ARG C 248 11.21 -5.59 -26.97
N ALA C 249 12.12 -4.64 -26.81
CA ALA C 249 13.35 -4.85 -26.08
C ALA C 249 13.13 -4.49 -24.61
N VAL C 250 13.16 -5.50 -23.76
CA VAL C 250 12.98 -5.31 -22.32
C VAL C 250 14.29 -4.82 -21.71
N LYS C 251 15.41 -5.48 -22.07
CA LYS C 251 16.77 -5.16 -21.56
C LYS C 251 17.77 -5.19 -22.71
N ASN C 252 18.39 -4.07 -23.04
CA ASN C 252 19.30 -3.98 -24.20
C ASN C 252 20.60 -3.33 -23.75
N ARG C 253 21.71 -4.10 -23.86
CA ARG C 253 23.05 -3.61 -23.51
C ARG C 253 23.70 -2.80 -24.61
N PHE C 254 23.16 -2.91 -25.82
CA PHE C 254 23.71 -2.26 -27.00
C PHE C 254 22.63 -1.40 -27.69
N GLY C 255 21.67 -0.89 -26.91
CA GLY C 255 20.59 -0.06 -27.45
C GLY C 255 19.53 0.38 -26.44
N SER C 256 18.54 1.11 -26.94
CA SER C 256 17.42 1.61 -26.12
C SER C 256 16.39 0.56 -25.88
N THR C 257 15.77 0.62 -24.72
CA THR C 257 14.68 -0.30 -24.38
C THR C 257 13.31 0.17 -24.88
N ASN C 258 13.16 1.47 -25.16
CA ASN C 258 11.89 1.95 -25.73
C ASN C 258 11.54 1.41 -27.13
N GLU C 259 12.51 0.86 -27.84
CA GLU C 259 12.32 0.46 -29.24
C GLU C 259 11.38 -0.74 -29.40
N ILE C 260 10.56 -0.67 -30.46
CA ILE C 260 9.57 -1.73 -30.83
C ILE C 260 9.62 -2.06 -32.33
N GLY C 261 9.28 -3.30 -32.65
CA GLY C 261 9.21 -3.78 -34.02
C GLY C 261 7.87 -4.45 -34.26
N ILE C 262 7.06 -3.86 -35.14
CA ILE C 262 5.71 -4.36 -35.36
C ILE C 262 5.72 -5.28 -36.59
N PHE C 263 5.17 -6.49 -36.42
CA PHE C 263 5.02 -7.50 -37.49
C PHE C 263 3.58 -8.01 -37.53
N GLU C 264 3.21 -8.60 -38.66
CA GLU C 264 1.92 -9.21 -38.86
C GLU C 264 2.21 -10.56 -39.47
N MET C 265 1.80 -11.64 -38.81
CA MET C 265 1.96 -13.01 -39.35
C MET C 265 0.98 -13.23 -40.50
N GLN C 266 1.51 -13.50 -41.67
CA GLN C 266 0.74 -13.82 -42.83
C GLN C 266 1.05 -15.28 -43.25
N SER C 267 0.42 -15.72 -44.33
CA SER C 267 0.51 -17.10 -44.79
C SER C 267 1.96 -17.51 -45.07
N GLY C 268 2.73 -16.61 -45.68
CA GLY C 268 4.15 -16.87 -45.90
C GLY C 268 4.91 -16.97 -44.58
N GLY C 269 4.93 -15.87 -43.85
CA GLY C 269 5.52 -15.78 -42.50
C GLY C 269 5.25 -14.42 -41.92
N LEU C 270 6.19 -13.85 -41.17
CA LEU C 270 6.02 -12.53 -40.56
C LEU C 270 6.33 -11.39 -41.53
N VAL C 271 5.37 -10.51 -41.74
CA VAL C 271 5.51 -9.34 -42.64
C VAL C 271 5.62 -8.15 -41.73
N GLU C 272 6.60 -7.31 -41.94
CA GLU C 272 6.75 -6.16 -41.09
C GLU C 272 5.69 -5.12 -41.30
N VAL C 273 5.38 -4.35 -40.24
CA VAL C 273 4.41 -3.25 -40.36
C VAL C 273 5.11 -1.91 -40.12
N LEU C 274 5.51 -1.29 -41.22
CA LEU C 274 6.31 -0.09 -41.11
C LEU C 274 5.52 1.14 -40.95
N ASN C 275 4.34 1.15 -41.56
CA ASN C 275 3.34 2.20 -41.30
C ASN C 275 2.17 1.57 -40.53
N PRO C 276 2.16 1.66 -39.20
CA PRO C 276 1.03 1.14 -38.45
C PRO C 276 -0.17 2.09 -38.43
N SER C 277 0.10 3.34 -38.78
CA SER C 277 -0.90 4.36 -38.94
C SER C 277 -1.98 3.94 -39.95
N GLN C 278 -1.61 3.12 -40.94
CA GLN C 278 -2.55 2.63 -41.97
C GLN C 278 -3.48 1.53 -41.49
N VAL C 279 -3.10 0.78 -40.48
CA VAL C 279 -3.97 -0.28 -39.91
C VAL C 279 -5.20 0.25 -39.15
N PHE C 280 -4.98 1.24 -38.29
CA PHE C 280 -6.06 1.87 -37.51
C PHE C 280 -7.04 2.65 -38.40
N LEU C 281 -6.51 3.26 -39.46
CA LEU C 281 -7.33 4.07 -40.36
C LEU C 281 -8.27 3.28 -41.26
N GLU C 282 -8.08 0.47 -41.42
CA GLU C 282 -8.91 -0.64 -41.87
C GLU C 282 -9.96 -0.97 -40.83
N GLU C 283 -9.55 -1.00 -39.56
CA GLU C 283 -10.47 -1.37 -38.46
C GLU C 283 -11.64 -0.37 -38.28
N ARG C 284 -11.52 0.85 -38.81
CA ARG C 284 -12.61 1.86 -38.73
C ARG C 284 -13.52 1.86 -39.97
N LEU C 285 -14.85 1.89 -39.75
CA LEU C 285 -15.84 1.96 -40.85
C LEU C 285 -15.95 3.38 -41.38
N ASP C 286 -16.95 3.66 -42.22
CA ASP C 286 -17.18 5.02 -42.73
C ASP C 286 -17.72 5.96 -41.67
N GLY C 287 -18.97 5.75 -41.24
CA GLY C 287 -19.66 6.77 -40.44
C GLY C 287 -19.73 6.33 -39.00
N ALA C 288 -18.60 5.85 -38.47
CA ALA C 288 -18.50 5.11 -37.23
C ALA C 288 -18.19 6.06 -36.08
N THR C 289 -19.30 6.51 -35.50
CA THR C 289 -19.27 7.34 -34.34
C THR C 289 -19.33 6.54 -33.03
N GLY C 290 -18.76 7.15 -32.00
CA GLY C 290 -18.79 6.55 -30.67
C GLY C 290 -17.61 5.66 -30.35
N SER C 291 -16.63 5.64 -31.24
CA SER C 291 -15.41 4.89 -31.04
C SER C 291 -14.38 5.90 -30.60
N SER C 292 -13.59 5.57 -29.56
CA SER C 292 -12.36 6.35 -29.20
C SER C 292 -11.19 5.45 -28.72
N ILE C 293 -9.96 5.99 -28.68
CA ILE C 293 -8.75 5.19 -28.29
C ILE C 293 -8.02 5.73 -27.04
N VAL C 294 -7.64 4.80 -26.17
CA VAL C 294 -6.99 5.15 -24.92
C VAL C 294 -5.69 4.40 -24.84
N VAL C 295 -4.66 5.01 -24.27
CA VAL C 295 -3.36 4.34 -24.05
C VAL C 295 -3.39 4.05 -22.58
N THR C 296 -3.81 2.83 -22.28
CA THR C 296 -3.94 2.35 -20.89
C THR C 296 -2.70 1.54 -20.55
N MET C 297 -2.68 0.93 -19.36
CA MET C 297 -1.52 0.20 -18.84
C MET C 297 -1.92 -1.11 -18.20
N GLU C 298 -1.24 -2.20 -18.57
CA GLU C 298 -1.42 -3.50 -17.97
C GLU C 298 -0.14 -3.73 -17.16
N GLY C 299 -0.13 -3.11 -15.98
CA GLY C 299 1.03 -3.07 -15.11
C GLY C 299 1.90 -1.99 -15.68
N THR C 300 2.99 -2.42 -16.30
CA THR C 300 3.92 -1.50 -16.94
C THR C 300 3.78 -1.47 -18.47
N ARG C 301 3.24 -2.55 -19.06
CA ARG C 301 3.02 -2.61 -20.52
C ARG C 301 1.97 -1.64 -20.86
N PRO C 302 2.26 -0.67 -21.74
CA PRO C 302 1.20 0.17 -22.20
C PRO C 302 0.43 -0.52 -23.32
N ILE C 303 -0.81 -0.86 -23.02
CA ILE C 303 -1.75 -1.44 -23.95
C ILE C 303 -2.52 -0.25 -24.54
N LEU C 304 -2.87 -0.38 -25.81
CA LEU C 304 -3.60 0.63 -26.51
C LEU C 304 -4.99 0.07 -26.79
N ALA C 305 -6.07 0.75 -26.39
CA ALA C 305 -7.40 0.10 -26.42
C ALA C 305 -8.52 0.99 -26.93
N GLU C 306 -9.58 0.35 -27.43
CA GLU C 306 -10.70 1.04 -28.03
C GLU C 306 -11.95 0.96 -27.17
N VAL C 307 -12.48 2.14 -26.89
CA VAL C 307 -13.69 2.30 -26.12
C VAL C 307 -14.78 2.58 -27.09
N GLN C 308 -15.92 1.94 -26.87
CA GLN C 308 -17.06 2.05 -27.77
C GLN C 308 -18.32 2.44 -26.99
N ALA C 309 -19.09 3.35 -27.58
CA ALA C 309 -20.31 3.90 -26.99
C ALA C 309 -21.45 3.95 -28.01
N LEU C 310 -22.64 3.62 -27.54
CA LEU C 310 -23.87 3.75 -28.32
C LEU C 310 -24.85 4.46 -27.45
N VAL C 311 -24.98 5.75 -27.74
CA VAL C 311 -25.93 6.62 -27.04
C VAL C 311 -27.13 6.74 -27.95
N THR C 312 -28.31 6.46 -27.43
CA THR C 312 -29.51 6.47 -28.25
C THR C 312 -30.69 6.85 -27.34
N PRO C 313 -31.69 7.61 -27.85
CA PRO C 313 -32.76 8.04 -27.00
C PRO C 313 -33.59 6.92 -26.46
N THR C 314 -33.98 7.06 -25.18
CA THR C 314 -34.76 6.00 -24.52
C THR C 314 -36.09 5.99 -25.17
N MET C 315 -36.72 4.83 -25.31
CA MET C 315 -38.14 4.77 -25.77
C MET C 315 -39.16 4.56 -24.64
N PHE C 316 -38.72 3.77 -23.65
CA PHE C 316 -39.45 3.20 -22.54
C PHE C 316 -39.35 4.21 -21.42
N GLY C 317 -39.81 3.79 -20.26
CA GLY C 317 -39.68 4.51 -19.03
C GLY C 317 -38.28 4.86 -18.64
N ASN C 318 -37.54 3.89 -18.13
CA ASN C 318 -36.20 4.19 -17.59
C ASN C 318 -35.08 4.11 -18.60
N ALA C 319 -34.15 5.06 -18.50
CA ALA C 319 -32.99 5.11 -19.38
C ALA C 319 -32.02 4.02 -18.95
N LYS C 320 -31.53 3.28 -19.95
CA LYS C 320 -30.66 2.13 -19.74
C LYS C 320 -29.21 2.54 -19.72
N ARG C 321 -28.46 1.88 -18.88
CA ARG C 321 -27.02 2.01 -18.91
C ARG C 321 -26.35 0.63 -18.82
N THR C 322 -25.53 0.28 -19.82
CA THR C 322 -24.94 -1.03 -19.82
C THR C 322 -23.50 -1.02 -20.29
N THR C 323 -22.57 -1.50 -19.47
CA THR C 323 -21.16 -1.51 -19.80
C THR C 323 -20.61 -2.93 -19.92
N THR C 324 -19.59 -3.11 -20.76
CA THR C 324 -18.85 -4.38 -20.83
C THR C 324 -17.40 -4.06 -20.98
N GLY C 325 -16.63 -4.37 -19.94
CA GLY C 325 -15.22 -4.03 -19.91
C GLY C 325 -14.85 -2.77 -19.17
N LEU C 326 -15.81 -1.89 -18.91
CA LEU C 326 -15.55 -0.68 -18.08
C LEU C 326 -16.37 -0.80 -16.85
N ASP C 327 -15.90 -0.20 -15.76
CA ASP C 327 -16.69 -0.14 -14.51
C ASP C 327 -17.95 0.71 -14.68
N PHE C 328 -19.09 0.14 -14.32
CA PHE C 328 -20.39 0.76 -14.58
C PHE C 328 -20.53 2.12 -13.89
N ASN C 329 -20.21 2.14 -12.60
CA ASN C 329 -20.17 3.35 -11.79
C ASN C 329 -19.19 4.40 -12.23
N ARG C 330 -18.02 4.01 -12.71
CA ARG C 330 -17.17 4.97 -13.35
C ARG C 330 -17.92 5.64 -14.55
N ALA C 331 -18.56 4.85 -15.41
CA ALA C 331 -19.26 5.41 -16.56
C ALA C 331 -20.39 6.30 -16.13
N SER C 332 -21.14 5.85 -15.12
CA SER C 332 -22.23 6.65 -14.56
C SER C 332 -21.83 8.06 -14.15
N LEU C 333 -20.74 8.17 -13.40
CA LEU C 333 -20.13 9.49 -13.06
C LEU C 333 -19.71 10.26 -14.26
N ILE C 334 -19.05 9.62 -15.23
CA ILE C 334 -18.65 10.33 -16.46
C ILE C 334 -19.82 11.02 -17.15
N MET C 335 -20.96 10.34 -17.16
CA MET C 335 -22.13 10.87 -17.82
C MET C 335 -22.69 12.04 -17.04
N ALA C 336 -22.64 11.95 -15.71
CA ALA C 336 -23.06 13.05 -14.86
C ALA C 336 -22.19 14.28 -15.11
N VAL C 337 -20.88 14.09 -15.20
CA VAL C 337 -19.98 15.18 -15.49
C VAL C 337 -20.24 15.70 -16.90
N LEU C 338 -20.45 14.86 -17.92
CA LEU C 338 -20.80 15.37 -19.27
C LEU C 338 -22.09 16.15 -19.30
N GLU C 339 -23.09 15.71 -18.54
CA GLU C 339 -24.35 16.46 -18.52
C GLU C 339 -24.16 17.76 -17.75
N LYS C 340 -23.56 17.71 -16.55
CA LYS C 340 -23.45 18.91 -15.68
C LYS C 340 -22.37 19.88 -16.13
N ARG C 341 -21.29 19.42 -16.71
CA ARG C 341 -20.19 20.30 -17.12
C ARG C 341 -20.17 20.59 -18.61
N ALA C 342 -20.28 19.57 -19.43
CA ALA C 342 -20.19 19.72 -20.88
C ALA C 342 -21.51 20.12 -21.48
N GLY C 343 -22.58 19.83 -20.78
CA GLY C 343 -23.88 20.26 -21.23
C GLY C 343 -24.54 19.30 -22.19
N LEU C 344 -24.24 18.01 -22.12
CA LEU C 344 -24.93 17.02 -22.96
C LEU C 344 -26.20 16.53 -22.26
N LEU C 345 -27.36 16.66 -22.88
CA LEU C 345 -28.62 16.13 -22.33
C LEU C 345 -28.71 14.63 -22.45
N LEU C 346 -28.10 13.94 -21.51
CA LEU C 346 -28.05 12.48 -21.47
C LEU C 346 -29.12 11.84 -20.57
N GLN C 347 -29.92 12.65 -19.91
CA GLN C 347 -30.88 12.17 -18.90
C GLN C 347 -31.80 11.11 -19.52
N ASN C 348 -32.35 11.43 -20.69
CA ASN C 348 -33.30 10.60 -21.47
C ASN C 348 -32.67 9.73 -22.59
N GLN C 349 -31.35 9.55 -22.49
CA GLN C 349 -30.63 8.75 -23.44
C GLN C 349 -30.17 7.46 -22.77
N ASP C 350 -30.45 6.35 -23.43
CA ASP C 350 -29.79 5.06 -23.17
C ASP C 350 -28.30 5.07 -23.53
N ALA C 351 -27.49 4.33 -22.77
CA ALA C 351 -26.06 4.24 -23.09
C ALA C 351 -25.53 2.83 -22.95
N TYR C 352 -24.95 2.36 -24.05
CA TYR C 352 -24.29 1.08 -24.06
C TYR C 352 -22.81 1.41 -24.26
N LEU C 353 -21.95 0.84 -23.42
CA LEU C 353 -20.52 1.02 -23.50
C LEU C 353 -19.79 -0.30 -23.52
N LYS C 354 -18.72 -0.37 -24.30
CA LYS C 354 -17.98 -1.62 -24.49
C LYS C 354 -16.50 -1.28 -24.62
N SER C 355 -15.69 -2.14 -24.07
CA SER C 355 -14.27 -2.09 -24.30
C SER C 355 -14.06 -3.10 -25.36
N ALA C 356 -13.61 -2.65 -26.51
CA ALA C 356 -13.37 -3.58 -27.60
C ALA C 356 -12.23 -4.53 -27.27
N GLY C 357 -12.41 -5.80 -27.61
CA GLY C 357 -11.40 -6.81 -27.34
C GLY C 357 -11.65 -7.61 -26.08
N GLY C 358 -12.48 -7.11 -25.19
CA GLY C 358 -12.61 -7.73 -23.89
C GLY C 358 -11.48 -7.35 -22.96
N VAL C 359 -10.85 -6.21 -23.23
CA VAL C 359 -9.86 -5.63 -22.38
C VAL C 359 -10.67 -5.11 -21.16
N LYS C 360 -10.22 -5.40 -19.93
CA LYS C 360 -10.77 -4.77 -18.72
C LYS C 360 -10.12 -3.39 -18.67
N LEU C 361 -10.91 -2.34 -18.53
CA LEU C 361 -10.36 -0.99 -18.40
C LEU C 361 -10.63 -0.40 -17.03
N ASP C 362 -9.70 -0.62 -16.10
CA ASP C 362 -9.92 -0.30 -14.69
C ASP C 362 -8.84 0.58 -14.15
N GLU C 363 -8.74 1.77 -14.71
CA GLU C 363 -7.66 2.70 -14.45
C GLU C 363 -8.23 4.09 -14.63
N PRO C 364 -7.84 5.05 -13.78
CA PRO C 364 -8.38 6.39 -13.95
C PRO C 364 -8.14 7.05 -15.29
N ALA C 365 -7.02 6.76 -15.90
CA ALA C 365 -6.70 7.30 -17.20
C ALA C 365 -7.70 7.07 -18.36
N ILE C 366 -8.50 6.02 -18.24
CA ILE C 366 -9.50 5.75 -19.30
C ILE C 366 -10.71 6.71 -19.35
N ASP C 367 -10.90 7.54 -18.31
CA ASP C 367 -12.06 8.41 -18.18
C ASP C 367 -12.27 9.29 -19.41
N LEU C 368 -11.19 9.95 -19.86
CA LEU C 368 -11.35 10.92 -20.98
C LEU C 368 -11.79 10.25 -22.29
N ALA C 369 -11.18 9.11 -22.59
CA ALA C 369 -11.58 8.35 -23.77
C ALA C 369 -13.04 7.91 -23.77
N VAL C 370 -13.52 7.45 -22.63
CA VAL C 370 -14.93 7.11 -22.45
C VAL C 370 -15.84 8.33 -22.55
N ALA C 371 -15.45 9.43 -21.89
CA ALA C 371 -16.21 10.67 -22.13
C ALA C 371 -16.27 11.10 -23.62
N VAL C 372 -15.13 11.04 -24.31
CA VAL C 372 -15.10 11.38 -25.74
C VAL C 372 -15.92 10.40 -26.58
N ALA C 373 -15.84 9.12 -26.26
CA ALA C 373 -16.65 8.10 -26.95
C ALA C 373 -18.13 8.44 -26.87
N ILE C 374 -18.60 8.67 -25.65
CA ILE C 374 -20.02 8.95 -25.40
C ILE C 374 -20.43 10.18 -26.16
N ALA C 375 -19.68 11.26 -25.97
CA ALA C 375 -19.95 12.50 -26.70
C ALA C 375 -19.97 12.29 -28.19
N SER C 376 -19.04 11.52 -28.73
CA SER C 376 -19.01 11.22 -30.18
C SER C 376 -20.29 10.53 -30.64
N SER C 377 -20.82 9.62 -29.84
CA SER C 377 -22.04 8.91 -30.21
C SER C 377 -23.24 9.82 -30.03
N TYR C 378 -23.24 10.59 -28.95
CA TYR C 378 -24.33 11.55 -28.67
C TYR C 378 -24.45 12.60 -29.77
N LYS C 379 -23.30 13.14 -30.12
CA LYS C 379 -23.18 14.18 -31.11
C LYS C 379 -23.28 13.67 -32.50
N ASP C 380 -23.14 12.36 -32.70
CA ASP C 380 -23.03 11.77 -34.03
C ASP C 380 -21.94 12.43 -34.96
N LYS C 381 -20.79 12.64 -34.37
CA LYS C 381 -19.63 13.25 -34.98
C LYS C 381 -18.50 12.27 -34.65
N PRO C 382 -17.77 11.78 -35.66
CA PRO C 382 -16.72 10.80 -35.33
C PRO C 382 -15.46 11.40 -34.77
N THR C 383 -14.65 10.59 -34.11
CA THR C 383 -13.31 11.01 -33.73
C THR C 383 -12.34 10.59 -34.83
N ASN C 384 -11.13 11.16 -34.79
CA ASN C 384 -10.05 10.74 -35.69
C ASN C 384 -9.49 9.40 -35.25
N PRO C 385 -9.25 8.48 -36.19
CA PRO C 385 -8.72 7.19 -35.73
C PRO C 385 -7.26 7.18 -35.34
N GLN C 386 -6.53 8.25 -35.63
CA GLN C 386 -5.11 8.34 -35.28
C GLN C 386 -4.92 9.30 -34.14
N GLU C 387 -6.00 9.63 -33.45
CA GLU C 387 -5.86 10.44 -32.25
C GLU C 387 -6.28 9.56 -31.09
N CYS C 388 -5.58 9.73 -29.97
CA CYS C 388 -5.95 9.03 -28.77
C CYS C 388 -5.97 9.96 -27.54
N PHE C 389 -6.59 9.46 -26.46
CA PHE C 389 -6.91 10.30 -25.30
C PHE C 389 -6.53 9.64 -23.98
N VAL C 390 -5.89 10.41 -23.09
CA VAL C 390 -5.43 9.91 -21.81
C VAL C 390 -5.75 10.96 -20.76
N GLY C 391 -6.39 10.57 -19.67
CA GLY C 391 -6.75 11.53 -18.61
C GLY C 391 -7.90 11.09 -17.68
N GLU C 392 -7.68 11.26 -16.38
CA GLU C 392 -8.72 11.08 -15.37
C GLU C 392 -9.59 12.29 -15.42
N LEU C 393 -10.89 12.13 -15.22
CA LEU C 393 -11.81 13.25 -15.39
C LEU C 393 -12.36 13.52 -14.02
N GLY C 394 -12.17 14.71 -13.50
CA GLY C 394 -12.71 15.07 -12.18
C GLY C 394 -14.16 15.46 -12.28
N LEU C 395 -14.86 15.41 -11.16
CA LEU C 395 -16.25 15.80 -11.17
C LEU C 395 -16.53 17.28 -11.44
N THR C 396 -15.50 18.12 -11.44
CA THR C 396 -15.63 19.53 -11.82
C THR C 396 -15.42 19.72 -13.34
N GLY C 397 -15.23 18.62 -14.09
CA GLY C 397 -14.92 18.74 -15.49
C GLY C 397 -13.44 18.75 -15.82
N GLU C 398 -12.61 19.00 -14.82
CA GLU C 398 -11.15 18.99 -14.97
C GLU C 398 -10.58 17.68 -15.53
N ILE C 399 -9.46 17.76 -16.23
CA ILE C 399 -8.77 16.59 -16.73
C ILE C 399 -7.54 16.49 -15.87
N ARG C 400 -7.56 15.58 -14.89
CA ARG C 400 -6.48 15.38 -13.92
C ARG C 400 -5.28 14.60 -14.47
N ARG C 401 -4.14 14.74 -13.77
CA ARG C 401 -2.89 14.01 -14.10
C ARG C 401 -3.03 12.48 -14.09
N VAL C 402 -2.17 11.81 -14.85
CA VAL C 402 -2.05 10.35 -14.81
C VAL C 402 -0.60 9.87 -14.76
N ASN C 403 -0.40 8.69 -14.16
CA ASN C 403 0.90 8.06 -14.06
C ASN C 403 1.40 7.59 -15.39
N ARG C 404 2.73 7.52 -15.50
CA ARG C 404 3.43 7.01 -16.69
C ARG C 404 3.03 7.72 -17.97
N ILE C 405 2.96 9.06 -17.93
CA ILE C 405 2.55 9.80 -19.15
C ILE C 405 3.59 9.73 -20.30
N GLU C 406 4.88 9.72 -19.95
CA GLU C 406 5.92 9.70 -20.95
C GLU C 406 5.89 8.39 -21.71
N GLN C 407 5.68 7.28 -21.01
CA GLN C 407 5.51 5.95 -21.66
C GLN C 407 4.31 5.83 -22.57
N ARG C 408 3.19 6.45 -22.18
CA ARG C 408 1.97 6.40 -22.96
C ARG C 408 2.12 7.19 -24.25
N ILE C 409 2.75 8.37 -24.18
CA ILE C 409 2.95 9.20 -25.37
C ILE C 409 3.87 8.49 -26.34
N ASN C 410 4.92 7.91 -25.77
CA ASN C 410 5.87 7.18 -26.54
C ASN C 410 5.22 6.00 -27.27
N GLU C 411 4.44 5.19 -26.57
CA GLU C 411 3.73 4.04 -27.20
C GLU C 411 2.73 4.46 -28.27
N ALA C 412 2.02 5.57 -28.07
CA ALA C 412 1.09 6.05 -29.07
C ALA C 412 1.80 6.41 -30.35
N ALA C 413 2.90 7.15 -30.21
CA ALA C 413 3.68 7.62 -31.36
C ALA C 413 4.16 6.47 -32.21
N LYS C 414 4.66 5.43 -31.53
CA LYS C 414 5.23 4.25 -32.17
C LYS C 414 4.22 3.39 -32.92
N LEU C 415 2.96 3.44 -32.49
CA LEU C 415 1.89 2.77 -33.23
C LEU C 415 1.19 3.66 -34.28
N GLY C 416 1.84 4.75 -34.66
CA GLY C 416 1.36 5.56 -35.79
C GLY C 416 0.20 6.46 -35.46
N PHE C 417 0.22 7.05 -34.29
CA PHE C 417 -0.78 8.02 -33.93
C PHE C 417 -0.23 9.40 -34.16
N THR C 418 -1.11 10.32 -34.50
CA THR C 418 -0.73 11.66 -34.89
C THR C 418 -1.03 12.68 -33.84
N LYS C 419 -2.08 12.47 -33.04
CA LYS C 419 -2.40 13.35 -31.91
C LYS C 419 -2.54 12.55 -30.65
N ILE C 420 -2.28 13.17 -29.53
CA ILE C 420 -2.64 12.55 -28.25
C ILE C 420 -3.04 13.62 -27.21
N TYR C 421 -4.25 13.48 -26.69
CA TYR C 421 -4.75 14.45 -25.74
C TYR C 421 -4.39 13.93 -24.36
N VAL C 422 -3.62 14.75 -23.66
CA VAL C 422 -3.11 14.39 -22.34
C VAL C 422 -3.46 15.48 -21.34
N PRO C 423 -3.29 15.21 -20.05
CA PRO C 423 -3.60 16.26 -19.11
C PRO C 423 -2.48 17.27 -19.14
N LYS C 424 -2.84 18.55 -19.15
CA LYS C 424 -1.88 19.61 -19.30
C LYS C 424 -0.86 19.67 -18.17
N ASN C 425 -1.29 19.37 -16.96
CA ASN C 425 -0.40 19.35 -15.82
C ASN C 425 0.66 18.24 -15.84
N SER C 426 0.38 17.14 -16.53
CA SER C 426 1.32 16.01 -16.63
C SER C 426 2.61 16.31 -17.42
N LEU C 427 2.60 17.38 -18.23
CA LEU C 427 3.71 17.70 -19.14
C LEU C 427 4.91 18.43 -18.57
N THR C 428 4.91 18.73 -17.27
CA THR C 428 5.93 19.62 -16.73
C THR C 428 7.33 19.00 -16.88
N GLY C 429 8.14 19.62 -17.73
CA GLY C 429 9.49 19.14 -18.00
C GLY C 429 9.61 17.72 -18.54
N ILE C 430 8.84 17.40 -19.57
CA ILE C 430 8.90 16.11 -20.25
C ILE C 430 9.19 16.37 -21.72
N THR C 431 10.14 15.63 -22.28
CA THR C 431 10.51 15.82 -23.69
C THR C 431 9.56 15.01 -24.59
N LEU C 432 9.01 15.66 -25.62
CA LEU C 432 7.93 15.10 -26.42
C LEU C 432 8.50 14.62 -27.73
N PRO C 433 8.07 13.44 -28.21
CA PRO C 433 8.59 12.93 -29.49
C PRO C 433 8.04 13.70 -30.69
N LYS C 434 8.90 13.92 -31.67
CA LYS C 434 8.58 14.77 -32.79
C LYS C 434 7.53 14.16 -33.72
N GLU C 435 7.19 12.89 -33.54
CA GLU C 435 6.28 12.20 -34.49
C GLU C 435 4.81 12.25 -34.08
N ILE C 436 4.52 12.91 -32.96
CA ILE C 436 3.18 12.96 -32.42
C ILE C 436 2.89 14.33 -31.80
N GLN C 437 1.67 14.83 -32.08
CA GLN C 437 1.21 16.08 -31.51
C GLN C 437 0.58 15.83 -30.13
N VAL C 438 1.26 16.28 -29.07
CA VAL C 438 0.79 16.12 -27.70
C VAL C 438 -0.02 17.37 -27.35
N ILE C 439 -1.31 17.20 -27.07
CA ILE C 439 -2.16 18.31 -26.69
C ILE C 439 -2.52 18.17 -25.24
N GLY C 440 -1.98 19.04 -24.41
CA GLY C 440 -2.36 19.15 -23.01
C GLY C 440 -3.69 19.86 -22.82
N VAL C 441 -4.62 19.21 -22.14
CA VAL C 441 -5.94 19.81 -21.95
C VAL C 441 -6.17 19.96 -20.48
N THR C 442 -7.11 20.81 -20.10
CA THR C 442 -7.41 21.09 -18.68
C THR C 442 -8.85 20.80 -18.30
N THR C 443 -9.81 21.04 -19.19
CA THR C 443 -11.21 20.69 -18.97
C THR C 443 -11.83 19.84 -20.06
N ILE C 444 -12.89 19.12 -19.72
CA ILE C 444 -13.60 18.31 -20.68
C ILE C 444 -14.23 19.17 -21.79
N GLN C 445 -14.64 20.40 -21.48
CA GLN C 445 -15.29 21.28 -22.46
C GLN C 445 -14.29 21.64 -23.54
N GLU C 446 -13.10 21.98 -23.08
CA GLU C 446 -11.96 22.23 -23.95
C GLU C 446 -11.69 21.09 -24.92
N VAL C 447 -11.77 19.86 -24.43
CA VAL C 447 -11.46 18.71 -25.25
C VAL C 447 -12.53 18.56 -26.29
N LEU C 448 -13.79 18.53 -25.87
CA LEU C 448 -14.87 18.33 -26.83
C LEU C 448 -14.90 19.45 -27.86
N LYS C 449 -14.57 20.68 -27.43
CA LYS C 449 -14.41 21.76 -28.42
C LYS C 449 -13.38 21.40 -29.47
N LYS C 450 -12.26 20.82 -29.03
CA LYS C 450 -11.13 20.58 -29.93
C LYS C 450 -11.42 19.43 -30.82
N VAL C 451 -12.07 18.43 -30.27
CA VAL C 451 -12.34 17.22 -30.96
C VAL C 451 -13.49 17.40 -31.91
N PHE C 452 -14.58 18.02 -31.49
CA PHE C 452 -15.71 18.21 -32.42
C PHE C 452 -15.94 19.68 -32.81
PA TYD D . 7.63 1.96 19.24
O1A TYD D . 8.97 1.90 18.56
O2A TYD D . 7.63 1.88 20.73
O3A TYD D . 6.70 0.80 18.64
PB TYD D . 6.93 -0.78 18.83
O1B TYD D . 8.17 -0.98 19.64
O2B TYD D . 5.62 -1.18 19.49
O3B TYD D . 7.06 -1.33 17.44
O5' TYD D . 6.80 3.31 18.84
C5' TYD D . 6.41 3.63 17.51
C4' TYD D . 7.12 4.89 17.00
O4' TYD D . 6.74 6.04 17.75
C3' TYD D . 8.65 4.89 17.06
O3' TYD D . 9.28 4.26 15.94
C2' TYD D . 9.02 6.36 17.08
C1' TYD D . 7.72 7.05 17.48
N1 TYD D . 7.95 7.96 18.63
C2 TYD D . 7.76 9.37 18.47
O2 TYD D . 7.39 9.86 17.38
N3 TYD D . 7.98 10.20 19.50
C4 TYD D . 8.38 9.74 20.69
O4 TYD D . 8.58 10.53 21.63
C5 TYD D . 8.58 8.29 20.89
C5M TYD D . 9.03 7.80 22.23
C6 TYD D . 8.35 7.45 19.81
MG MG E . 9.95 -1.05 18.99
PA TYD F . 16.45 2.82 -14.21
O1A TYD F . 17.36 2.02 -15.12
O2A TYD F . 17.07 3.71 -13.18
O3A TYD F . 15.40 1.81 -13.50
PB TYD F . 15.76 0.72 -12.37
O1B TYD F . 17.24 0.82 -12.08
O2B TYD F . 14.92 1.15 -11.20
O3B TYD F . 15.30 -0.60 -12.94
O5' TYD F . 15.48 3.77 -15.10
C5' TYD F . 14.43 3.25 -15.92
C4' TYD F . 14.60 3.65 -17.36
O4' TYD F . 14.60 5.08 -17.51
C3' TYD F . 15.91 3.18 -17.99
O3' TYD F . 15.80 1.86 -18.55
C2' TYD F . 16.18 4.20 -19.07
C1' TYD F . 15.23 5.35 -18.76
N1 TYD F . 15.93 6.66 -18.74
C2 TYD F . 15.64 7.61 -19.75
O2 TYD F . 14.78 7.38 -20.63
N3 TYD F . 16.27 8.80 -19.78
C4 TYD F . 17.19 9.12 -18.85
O4 TYD F . 17.76 10.23 -18.90
C5 TYD F . 17.52 8.16 -17.79
C5M TYD F . 18.57 8.55 -16.78
C6 TYD F . 16.86 6.92 -17.78
MG MG G . 18.46 -0.39 -12.96
PA TYD H . 6.64 -20.95 -34.60
O1A TYD H . 7.08 -22.41 -34.63
O2A TYD H . 7.61 -19.91 -35.06
O3A TYD H . 6.19 -20.51 -33.12
PB TYD H . 7.15 -20.44 -31.83
O1B TYD H . 8.51 -20.89 -32.30
O2B TYD H . 7.00 -19.02 -31.35
O3B TYD H . 6.46 -21.36 -30.87
O5' TYD H . 5.31 -20.68 -35.49
C5' TYD H . 4.08 -21.33 -35.23
C4' TYD H . 3.73 -22.24 -36.39
O4' TYD H . 3.47 -21.47 -37.57
C3' TYD H . 4.78 -23.27 -36.83
O3' TYD H . 4.81 -24.46 -36.04
C2' TYD H . 4.34 -23.61 -38.23
C1' TYD H . 3.41 -22.45 -38.61
N1 TYD H . 3.78 -21.92 -39.94
C2 TYD H . 2.86 -21.97 -41.01
O2 TYD H . 1.70 -22.44 -40.84
N3 TYD H . 3.19 -21.51 -42.23
C4 TYD H . 4.41 -21.00 -42.47
O4 TYD H . 4.71 -20.58 -43.60
C5 TYD H . 5.39 -20.94 -41.36
C5M TYD H . 6.77 -20.38 -41.55
C6 TYD H . 5.00 -21.42 -40.12
MG MG I . 9.19 -23.17 -32.51
#